data_5YHJ
#
_entry.id   5YHJ
#
_cell.length_a   58.962
_cell.length_b   58.962
_cell.length_c   238.348
_cell.angle_alpha   90.000
_cell.angle_beta   90.000
_cell.angle_gamma   90.000
#
_symmetry.space_group_name_H-M   'P 41'
#
loop_
_entity.id
_entity.type
_entity.pdbx_description
1 polymer 'Cytochrome P450'
2 non-polymer 'PROTOPORPHYRIN IX CONTAINING FE'
3 non-polymer 'MYRISTIC ACID'
4 water water
#
_entity_poly.entity_id   1
_entity_poly.type   'polypeptide(L)'
_entity_poly.pdbx_seq_one_letter_code
;MGKVIPKQEGLDHSVDFLREGYLFVANRRKSFQSNIFESRLLGERVICLGGEEAAEVFYDANKFTRQDAAPKRLLKTLFG
EGGVQTLDGSEHTHRKQMFMSLMTKENIDRLLRLTYREWNQIERMGEEIVLYDIAQEVLMKAVCEWSGVPLAKEEVGKRT
EEMRLLFESGTSLGPTYLQGRKARSSAEVWIRQMVKEVRSNRLLPNEHTALYEFSWHRDESGELLPEEVVAVEVLNILRP
TVAISVYVLFTVLALHQFPDVKEQVERGEVSKTEFVQEVRRFYPFFPVAAARVKTDFEWDGYAFPEGTLTLLDLYGTNHD
VSIWTEPDRFDPSRFKDWKESPFNFIPQGGGDVDFGHRCAGEHVTIAILAQVIELFTKEYAYTVPPQDLSYSFVDMPSLP
KSKLRLTHLTRNQ
;
_entity_poly.pdbx_strand_id   A,B
#
loop_
_chem_comp.id
_chem_comp.type
_chem_comp.name
_chem_comp.formula
HEM non-polymer 'PROTOPORPHYRIN IX CONTAINING FE' 'C34 H32 Fe N4 O4'
MYR non-polymer 'MYRISTIC ACID' 'C14 H28 O2'
#
# COMPACT_ATOMS: atom_id res chain seq x y z
N GLY A 2 16.61 1.93 -26.05
CA GLY A 2 16.94 0.51 -25.91
C GLY A 2 16.96 -0.02 -24.49
N LYS A 3 15.82 0.04 -23.84
CA LYS A 3 15.72 -0.36 -22.45
C LYS A 3 14.97 -1.68 -22.35
N VAL A 4 15.15 -2.34 -21.23
CA VAL A 4 14.43 -3.56 -20.88
C VAL A 4 13.29 -3.15 -19.96
N ILE A 5 12.11 -3.73 -20.12
CA ILE A 5 11.01 -3.41 -19.23
C ILE A 5 11.19 -4.19 -17.94
N PRO A 6 11.24 -3.52 -16.77
CA PRO A 6 11.34 -4.25 -15.49
C PRO A 6 10.33 -5.39 -15.44
N LYS A 7 10.79 -6.57 -15.09
CA LYS A 7 9.98 -7.77 -15.13
C LYS A 7 10.01 -8.45 -13.77
N GLN A 8 8.82 -8.82 -13.30
CA GLN A 8 8.68 -9.55 -12.05
C GLN A 8 8.94 -11.02 -12.33
N GLU A 9 9.69 -11.67 -11.45
CA GLU A 9 9.91 -13.09 -11.67
C GLU A 9 8.77 -13.90 -11.08
N GLY A 10 8.68 -15.15 -11.51
CA GLY A 10 7.56 -15.99 -11.14
C GLY A 10 6.60 -16.20 -12.30
N LEU A 11 5.84 -17.29 -12.20
CA LEU A 11 4.97 -17.68 -13.30
C LEU A 11 3.60 -17.02 -13.28
N ASP A 12 3.12 -16.59 -12.11
CA ASP A 12 1.75 -16.07 -12.01
C ASP A 12 1.63 -15.07 -10.86
N HIS A 13 1.21 -13.86 -11.20
CA HIS A 13 1.06 -12.79 -10.22
C HIS A 13 -0.40 -12.41 -10.00
N SER A 14 -1.34 -13.22 -10.50
CA SER A 14 -2.75 -12.94 -10.26
C SER A 14 -3.05 -12.89 -8.76
N VAL A 15 -2.53 -13.88 -8.02
CA VAL A 15 -2.67 -13.89 -6.57
C VAL A 15 -2.13 -12.60 -5.96
N ASP A 16 -1.03 -12.06 -6.51
CA ASP A 16 -0.48 -10.83 -5.95
C ASP A 16 -1.36 -9.65 -6.28
N PHE A 17 -1.98 -9.68 -7.46
CA PHE A 17 -2.90 -8.61 -7.81
C PHE A 17 -4.11 -8.62 -6.89
N LEU A 18 -4.62 -9.82 -6.55
CA LEU A 18 -5.71 -9.89 -5.58
C LEU A 18 -5.25 -9.48 -4.21
N ARG A 19 -4.03 -9.83 -3.84
CA ARG A 19 -3.56 -9.47 -2.51
C ARG A 19 -3.46 -7.98 -2.35
N GLU A 20 -2.92 -7.26 -3.35
CA GLU A 20 -2.60 -5.85 -3.18
C GLU A 20 -3.60 -4.88 -3.81
N GLY A 21 -4.53 -5.36 -4.62
CA GLY A 21 -5.61 -4.53 -5.19
C GLY A 21 -5.18 -3.21 -5.82
N TYR A 22 -5.69 -2.11 -5.30
CA TYR A 22 -5.39 -0.80 -5.87
C TYR A 22 -3.94 -0.39 -5.72
N LEU A 23 -3.19 -1.04 -4.82
CA LEU A 23 -1.78 -0.74 -4.61
C LEU A 23 -0.83 -1.62 -5.41
N PHE A 24 -1.32 -2.49 -6.30
CA PHE A 24 -0.42 -3.40 -7.02
C PHE A 24 0.51 -2.64 -7.96
N VAL A 25 -0.09 -1.89 -8.89
CA VAL A 25 0.70 -1.10 -9.84
C VAL A 25 1.56 -0.08 -9.12
N ALA A 26 0.97 0.67 -8.17
CA ALA A 26 1.74 1.72 -7.51
C ALA A 26 2.91 1.15 -6.71
N ASN A 27 2.73 -0.01 -6.06
CA ASN A 27 3.82 -0.59 -5.31
C ASN A 27 4.96 -0.97 -6.25
N ARG A 28 4.62 -1.45 -7.45
CA ARG A 28 5.64 -1.86 -8.37
C ARG A 28 6.27 -0.69 -9.13
N ARG A 29 5.52 0.39 -9.36
CA ARG A 29 6.11 1.59 -9.92
C ARG A 29 7.13 2.19 -8.97
N LYS A 30 6.82 2.22 -7.66
CA LYS A 30 7.81 2.71 -6.71
C LYS A 30 8.97 1.73 -6.57
N SER A 31 8.67 0.45 -6.44
CA SER A 31 9.66 -0.57 -6.17
C SER A 31 10.70 -0.59 -7.28
N PHE A 32 10.24 -0.70 -8.54
CA PHE A 32 11.07 -0.62 -9.72
C PHE A 32 11.57 0.77 -10.04
N GLN A 33 10.97 1.83 -9.47
CA GLN A 33 11.26 3.22 -9.91
C GLN A 33 11.06 3.37 -11.42
N SER A 34 9.88 2.98 -11.87
CA SER A 34 9.59 2.96 -13.30
C SER A 34 8.11 3.25 -13.49
N ASN A 35 7.78 3.92 -14.57
CA ASN A 35 6.38 4.08 -14.96
C ASN A 35 5.86 2.91 -15.76
N ILE A 36 6.67 1.87 -15.96
CA ILE A 36 6.24 0.70 -16.70
C ILE A 36 6.90 -0.51 -16.07
N PHE A 37 6.19 -1.64 -16.10
CA PHE A 37 6.81 -2.90 -15.74
C PHE A 37 5.95 -4.01 -16.32
N GLU A 38 6.41 -5.24 -16.16
CA GLU A 38 5.74 -6.39 -16.73
C GLU A 38 5.48 -7.42 -15.64
N SER A 39 4.29 -7.99 -15.65
CA SER A 39 3.87 -9.03 -14.73
C SER A 39 3.26 -10.15 -15.53
N ARG A 40 2.93 -11.23 -14.85
CA ARG A 40 2.16 -12.30 -15.48
C ARG A 40 0.86 -12.50 -14.71
N LEU A 41 -0.24 -12.46 -15.44
CA LEU A 41 -1.54 -12.67 -14.82
C LEU A 41 -2.54 -13.00 -15.90
N LEU A 42 -3.62 -13.66 -15.47
CA LEU A 42 -4.63 -14.17 -16.39
C LEU A 42 -4.00 -14.98 -17.52
N GLY A 43 -2.94 -15.72 -17.18
CA GLY A 43 -2.29 -16.63 -18.10
C GLY A 43 -1.35 -15.98 -19.08
N GLU A 44 -1.21 -14.66 -19.03
CA GLU A 44 -0.55 -13.91 -20.08
C GLU A 44 0.51 -12.98 -19.49
N ARG A 45 1.47 -12.61 -20.32
CA ARG A 45 2.29 -11.43 -20.07
C ARG A 45 1.41 -10.18 -20.06
N VAL A 46 1.62 -9.31 -19.08
CA VAL A 46 0.88 -8.06 -18.99
C VAL A 46 1.87 -6.93 -18.74
N ILE A 47 1.73 -5.85 -19.49
CA ILE A 47 2.47 -4.63 -19.28
C ILE A 47 1.62 -3.66 -18.47
N CYS A 48 2.17 -3.13 -17.38
CA CYS A 48 1.50 -2.14 -16.55
C CYS A 48 2.16 -0.78 -16.71
N LEU A 49 1.30 0.26 -16.70
CA LEU A 49 1.74 1.63 -16.91
C LEU A 49 1.10 2.54 -15.88
N GLY A 50 1.75 3.68 -15.63
CA GLY A 50 1.17 4.72 -14.80
C GLY A 50 1.79 6.06 -15.13
N GLY A 51 1.01 7.11 -14.87
CA GLY A 51 1.47 8.48 -15.05
C GLY A 51 0.91 9.13 -16.32
N GLU A 52 1.04 10.46 -16.36
CA GLU A 52 0.62 11.28 -17.50
C GLU A 52 1.02 10.74 -18.87
N GLU A 53 2.30 10.41 -19.06
CA GLU A 53 2.82 10.19 -20.42
C GLU A 53 2.49 8.79 -20.91
N ALA A 54 2.56 7.80 -20.03
CA ALA A 54 2.00 6.50 -20.33
C ALA A 54 0.50 6.59 -20.56
N ALA A 55 -0.18 7.52 -19.90
CA ALA A 55 -1.61 7.68 -20.14
C ALA A 55 -1.86 8.18 -21.54
N GLU A 56 -1.12 9.23 -21.95
CA GLU A 56 -1.25 9.72 -23.32
C GLU A 56 -0.92 8.64 -24.34
N VAL A 57 0.01 7.73 -24.02
CA VAL A 57 0.32 6.67 -24.98
C VAL A 57 -0.76 5.60 -25.01
N PHE A 58 -1.27 5.23 -23.83
CA PHE A 58 -2.32 4.22 -23.75
C PHE A 58 -3.59 4.63 -24.50
N TYR A 59 -3.90 5.93 -24.56
CA TYR A 59 -5.07 6.43 -25.27
C TYR A 59 -4.74 6.90 -26.69
N ASP A 60 -3.56 6.51 -27.20
CA ASP A 60 -3.21 6.74 -28.61
C ASP A 60 -3.78 5.60 -29.44
N ALA A 61 -4.84 5.89 -30.20
CA ALA A 61 -5.55 4.86 -30.95
C ALA A 61 -4.71 4.28 -32.09
N ASN A 62 -3.62 4.96 -32.49
CA ASN A 62 -2.69 4.39 -33.46
C ASN A 62 -1.91 3.22 -32.87
N LYS A 63 -1.80 3.16 -31.54
CA LYS A 63 -0.90 2.21 -30.87
C LYS A 63 -1.63 1.17 -30.04
N PHE A 64 -2.82 1.48 -29.52
CA PHE A 64 -3.56 0.55 -28.69
C PHE A 64 -4.94 0.30 -29.26
N THR A 65 -5.48 -0.87 -28.91
CA THR A 65 -6.79 -1.33 -29.36
C THR A 65 -7.50 -1.97 -28.19
N ARG A 66 -8.80 -1.68 -28.07
CA ARG A 66 -9.61 -2.36 -27.06
C ARG A 66 -10.22 -3.64 -27.60
N GLN A 67 -10.00 -3.95 -28.88
CA GLN A 67 -10.38 -5.25 -29.42
C GLN A 67 -9.79 -6.38 -28.59
N ASP A 68 -10.65 -7.20 -27.99
CA ASP A 68 -10.31 -8.33 -27.14
C ASP A 68 -9.52 -7.92 -25.89
N ALA A 69 -9.52 -6.65 -25.54
CA ALA A 69 -8.75 -6.18 -24.39
C ALA A 69 -9.35 -6.69 -23.07
N ALA A 70 -10.60 -6.30 -22.80
CA ALA A 70 -11.25 -6.67 -21.56
C ALA A 70 -11.28 -8.20 -21.41
N PRO A 71 -11.01 -8.73 -20.21
CA PRO A 71 -11.05 -10.18 -20.02
C PRO A 71 -12.47 -10.69 -20.13
N LYS A 72 -12.62 -11.89 -20.71
CA LYS A 72 -13.94 -12.42 -21.00
C LYS A 72 -14.83 -12.52 -19.78
N ARG A 73 -14.25 -12.67 -18.59
CA ARG A 73 -15.04 -12.82 -17.38
C ARG A 73 -15.71 -11.50 -16.97
N LEU A 74 -15.03 -10.38 -17.20
CA LEU A 74 -15.66 -9.08 -17.01
C LEU A 74 -16.74 -8.83 -18.05
N LEU A 75 -16.53 -9.30 -19.29
CA LEU A 75 -17.62 -9.26 -20.25
C LEU A 75 -18.80 -10.07 -19.75
N LYS A 76 -18.52 -11.14 -18.99
CA LYS A 76 -19.58 -12.01 -18.51
C LYS A 76 -20.35 -11.42 -17.34
N THR A 77 -19.69 -10.64 -16.49
CA THR A 77 -20.35 -10.16 -15.28
C THR A 77 -20.61 -8.66 -15.23
N LEU A 78 -19.64 -7.85 -15.63
CA LEU A 78 -19.64 -6.41 -15.38
C LEU A 78 -19.90 -5.55 -16.60
N PHE A 79 -19.43 -5.93 -17.80
CA PHE A 79 -19.47 -5.03 -18.95
C PHE A 79 -20.56 -5.37 -19.96
N GLY A 80 -20.90 -6.64 -20.11
CA GLY A 80 -21.73 -7.06 -21.23
C GLY A 80 -20.95 -7.27 -22.52
N GLU A 81 -21.47 -8.14 -23.37
CA GLU A 81 -20.88 -8.43 -24.67
C GLU A 81 -21.43 -7.49 -25.73
N GLY A 82 -20.59 -7.15 -26.69
CA GLY A 82 -20.97 -6.24 -27.77
C GLY A 82 -21.09 -4.79 -27.38
N GLY A 83 -20.86 -4.43 -26.12
CA GLY A 83 -21.03 -3.07 -25.68
C GLY A 83 -20.01 -2.14 -26.31
N VAL A 84 -20.24 -0.85 -26.10
CA VAL A 84 -19.34 0.16 -26.67
C VAL A 84 -17.90 -0.06 -26.20
N GLN A 85 -17.72 -0.70 -25.04
CA GLN A 85 -16.38 -0.97 -24.52
C GLN A 85 -15.56 -1.75 -25.53
N THR A 86 -16.21 -2.65 -26.27
CA THR A 86 -15.54 -3.64 -27.12
C THR A 86 -15.37 -3.19 -28.57
N LEU A 87 -15.44 -1.90 -28.87
CA LEU A 87 -15.58 -1.43 -30.24
C LEU A 87 -14.32 -0.72 -30.74
N ASP A 88 -14.36 -0.41 -32.05
CA ASP A 88 -13.23 -0.03 -32.88
C ASP A 88 -13.60 1.14 -33.77
N GLY A 89 -12.59 1.93 -34.16
CA GLY A 89 -12.71 3.02 -35.12
C GLY A 89 -14.04 3.74 -35.26
N SER A 90 -14.55 3.76 -36.52
CA SER A 90 -15.76 4.52 -36.85
C SER A 90 -16.98 3.92 -36.18
N GLU A 91 -16.99 2.59 -36.03
CA GLU A 91 -18.09 1.91 -35.37
C GLU A 91 -18.19 2.38 -33.93
N HIS A 92 -17.04 2.42 -33.25
CA HIS A 92 -17.01 2.89 -31.87
C HIS A 92 -17.34 4.35 -31.76
N THR A 93 -16.88 5.16 -32.73
CA THR A 93 -17.18 6.59 -32.65
C THR A 93 -18.68 6.83 -32.77
N HIS A 94 -19.32 6.12 -33.70
CA HIS A 94 -20.76 6.24 -33.93
C HIS A 94 -21.55 5.81 -32.69
N ARG A 95 -21.20 4.66 -32.11
CA ARG A 95 -21.94 4.25 -30.91
C ARG A 95 -21.67 5.17 -29.72
N LYS A 96 -20.43 5.65 -29.58
CA LYS A 96 -20.11 6.59 -28.52
C LYS A 96 -20.87 7.90 -28.67
N GLN A 97 -21.11 8.33 -29.90
CA GLN A 97 -21.99 9.48 -30.12
C GLN A 97 -23.41 9.11 -29.74
N MET A 98 -23.77 7.82 -29.80
CA MET A 98 -25.08 7.42 -29.31
C MET A 98 -25.19 7.63 -27.80
N PHE A 99 -24.12 7.28 -27.05
CA PHE A 99 -24.19 7.53 -25.61
C PHE A 99 -24.15 9.02 -25.30
N MET A 100 -23.27 9.77 -25.97
CA MET A 100 -23.14 11.19 -25.65
C MET A 100 -24.39 12.00 -26.01
N SER A 101 -25.28 11.50 -26.86
CA SER A 101 -26.47 12.29 -27.22
C SER A 101 -27.35 12.53 -26.00
N LEU A 102 -27.28 11.64 -25.01
CA LEU A 102 -28.05 11.73 -23.78
C LEU A 102 -27.47 12.76 -22.83
N MET A 103 -26.15 12.91 -22.83
CA MET A 103 -25.49 13.73 -21.83
C MET A 103 -25.56 15.21 -22.14
N THR A 104 -26.66 15.64 -22.75
CA THR A 104 -26.95 17.05 -22.86
C THR A 104 -27.35 17.60 -21.49
N LYS A 105 -27.09 18.89 -21.29
CA LYS A 105 -27.42 19.54 -20.02
C LYS A 105 -28.89 19.37 -19.66
N GLU A 106 -29.80 19.46 -20.65
CA GLU A 106 -31.23 19.34 -20.38
C GLU A 106 -31.61 17.94 -19.94
N ASN A 107 -31.04 16.90 -20.58
CA ASN A 107 -31.41 15.54 -20.21
C ASN A 107 -30.82 15.15 -18.85
N ILE A 108 -29.66 15.69 -18.54
CA ILE A 108 -29.07 15.49 -17.22
C ILE A 108 -29.90 16.22 -16.18
N ASP A 109 -30.39 17.41 -16.53
CA ASP A 109 -31.33 18.11 -15.65
C ASP A 109 -32.53 17.23 -15.32
N ARG A 110 -33.09 16.55 -16.33
CA ARG A 110 -34.19 15.63 -16.05
C ARG A 110 -33.76 14.59 -15.02
N LEU A 111 -32.61 13.95 -15.26
CA LEU A 111 -32.11 12.96 -14.31
C LEU A 111 -32.00 13.53 -12.90
N LEU A 112 -31.45 14.73 -12.77
CA LEU A 112 -31.17 15.28 -11.45
C LEU A 112 -32.46 15.68 -10.73
N ARG A 113 -33.49 16.04 -11.50
CA ARG A 113 -34.81 16.22 -10.91
C ARG A 113 -35.35 14.90 -10.38
N LEU A 114 -35.06 13.81 -11.10
CA LEU A 114 -35.56 12.53 -10.63
C LEU A 114 -34.81 12.08 -9.37
N THR A 115 -33.49 12.33 -9.29
CA THR A 115 -32.76 11.95 -8.07
C THR A 115 -33.16 12.83 -6.90
N TYR A 116 -33.34 14.13 -7.12
CA TYR A 116 -33.81 14.99 -6.04
C TYR A 116 -35.16 14.50 -5.49
N ARG A 117 -36.10 14.20 -6.38
CA ARG A 117 -37.39 13.68 -5.92
C ARG A 117 -37.22 12.38 -5.12
N GLU A 118 -36.36 11.46 -5.57
CA GLU A 118 -36.16 10.22 -4.79
C GLU A 118 -35.48 10.49 -3.46
N TRP A 119 -34.35 11.22 -3.46
CA TRP A 119 -33.66 11.61 -2.23
C TRP A 119 -34.62 12.22 -1.21
N ASN A 120 -35.56 13.04 -1.68
CA ASN A 120 -36.52 13.72 -0.82
C ASN A 120 -37.29 12.75 0.07
N GLN A 121 -37.33 11.48 -0.31
CA GLN A 121 -38.08 10.49 0.45
C GLN A 121 -37.23 9.73 1.46
N ILE A 122 -35.95 10.06 1.64
CA ILE A 122 -35.19 9.38 2.68
C ILE A 122 -35.57 9.88 4.06
N GLU A 123 -36.32 10.99 4.13
CA GLU A 123 -36.96 11.37 5.38
C GLU A 123 -38.03 10.36 5.77
N ARG A 124 -38.51 9.58 4.80
CA ARG A 124 -39.53 8.55 5.04
C ARG A 124 -39.02 7.43 5.94
N MET A 125 -37.75 7.05 5.81
CA MET A 125 -37.30 5.78 6.41
C MET A 125 -36.99 5.95 7.90
N GLY A 126 -36.31 7.02 8.28
CA GLY A 126 -36.44 7.44 9.66
C GLY A 126 -35.10 7.86 10.22
N GLU A 127 -34.99 7.57 11.50
CA GLU A 127 -33.93 8.01 12.37
C GLU A 127 -32.65 7.20 12.20
N GLU A 128 -32.69 6.17 11.36
CA GLU A 128 -31.60 5.22 11.23
C GLU A 128 -31.58 4.78 9.77
N ILE A 129 -30.57 5.21 9.02
CA ILE A 129 -30.44 4.79 7.64
C ILE A 129 -29.05 4.21 7.43
N VAL A 130 -28.97 3.24 6.55
CA VAL A 130 -27.71 2.80 5.94
C VAL A 130 -27.62 3.51 4.59
N LEU A 131 -26.63 4.42 4.45
CA LEU A 131 -26.57 5.28 3.25
C LEU A 131 -26.35 4.48 1.97
N TYR A 132 -25.55 3.42 2.02
CA TYR A 132 -25.27 2.65 0.80
C TYR A 132 -26.54 2.04 0.20
N ASP A 133 -27.37 1.44 1.06
CA ASP A 133 -28.63 0.86 0.59
C ASP A 133 -29.58 1.93 0.04
N ILE A 134 -29.78 3.01 0.81
CA ILE A 134 -30.69 4.06 0.38
C ILE A 134 -30.22 4.72 -0.92
N ALA A 135 -28.92 5.03 -0.99
CA ALA A 135 -28.34 5.58 -2.21
C ALA A 135 -28.61 4.68 -3.41
N GLN A 136 -28.37 3.38 -3.25
CA GLN A 136 -28.61 2.48 -4.37
C GLN A 136 -30.06 2.57 -4.86
N GLU A 137 -31.01 2.60 -3.92
CA GLU A 137 -32.41 2.57 -4.32
C GLU A 137 -32.86 3.88 -4.95
N VAL A 138 -32.41 5.01 -4.37
CA VAL A 138 -32.63 6.32 -4.96
C VAL A 138 -32.16 6.34 -6.40
N LEU A 139 -30.91 5.91 -6.61
CA LEU A 139 -30.30 5.96 -7.93
C LEU A 139 -31.00 5.02 -8.89
N MET A 140 -31.35 3.82 -8.44
CA MET A 140 -32.00 2.86 -9.33
C MET A 140 -33.36 3.37 -9.81
N LYS A 141 -34.18 3.89 -8.89
CA LYS A 141 -35.49 4.42 -9.31
C LYS A 141 -35.35 5.66 -10.19
N ALA A 142 -34.39 6.52 -9.87
CA ALA A 142 -34.20 7.71 -10.70
C ALA A 142 -33.69 7.33 -12.09
N VAL A 143 -32.75 6.38 -12.18
CA VAL A 143 -32.16 6.14 -13.50
C VAL A 143 -33.06 5.26 -14.34
N CYS A 144 -33.83 4.38 -13.71
CA CYS A 144 -34.85 3.65 -14.45
C CYS A 144 -35.87 4.61 -15.02
N GLU A 145 -36.35 5.55 -14.19
CA GLU A 145 -37.32 6.51 -14.71
C GLU A 145 -36.70 7.33 -15.82
N TRP A 146 -35.45 7.75 -15.62
CA TRP A 146 -34.79 8.63 -16.59
C TRP A 146 -34.61 7.94 -17.93
N SER A 147 -34.46 6.63 -17.93
CA SER A 147 -34.20 5.93 -19.18
C SER A 147 -35.47 5.34 -19.80
N GLY A 148 -36.64 5.75 -19.33
CA GLY A 148 -37.88 5.15 -19.77
C GLY A 148 -37.97 3.67 -19.50
N VAL A 149 -37.38 3.19 -18.41
CA VAL A 149 -37.38 1.77 -18.08
C VAL A 149 -38.46 1.53 -17.02
N PRO A 150 -39.57 0.88 -17.36
CA PRO A 150 -40.55 0.51 -16.33
C PRO A 150 -39.97 -0.28 -15.17
N LEU A 151 -40.09 0.26 -13.96
CA LEU A 151 -39.63 -0.41 -12.75
C LEU A 151 -40.75 -0.30 -11.71
N ALA A 152 -41.49 -1.38 -11.54
CA ALA A 152 -42.54 -1.39 -10.53
C ALA A 152 -41.93 -1.33 -9.14
N LYS A 153 -42.73 -0.84 -8.18
CA LYS A 153 -42.26 -0.71 -6.81
C LYS A 153 -41.79 -2.05 -6.26
N GLU A 154 -42.66 -3.06 -6.29
CA GLU A 154 -42.41 -4.32 -5.61
C GLU A 154 -41.16 -5.03 -6.10
N GLU A 155 -40.58 -4.58 -7.21
CA GLU A 155 -39.37 -5.17 -7.76
C GLU A 155 -38.15 -4.27 -7.63
N VAL A 156 -38.20 -3.25 -6.76
CA VAL A 156 -37.06 -2.32 -6.67
C VAL A 156 -35.88 -2.98 -5.97
N GLY A 157 -36.15 -3.69 -4.87
CA GLY A 157 -35.10 -4.44 -4.21
C GLY A 157 -34.36 -5.36 -5.16
N LYS A 158 -35.11 -6.19 -5.90
CA LYS A 158 -34.50 -7.20 -6.75
C LYS A 158 -33.61 -6.58 -7.83
N ARG A 159 -34.14 -5.59 -8.56
CA ARG A 159 -33.37 -5.02 -9.67
C ARG A 159 -32.17 -4.21 -9.15
N THR A 160 -32.35 -3.45 -8.06
CA THR A 160 -31.21 -2.70 -7.52
C THR A 160 -30.12 -3.66 -7.01
N GLU A 161 -30.54 -4.73 -6.35
CA GLU A 161 -29.62 -5.80 -5.93
C GLU A 161 -28.85 -6.32 -7.12
N GLU A 162 -29.54 -6.59 -8.22
CA GLU A 162 -28.87 -7.09 -9.41
C GLU A 162 -27.78 -6.13 -9.88
N MET A 163 -28.13 -4.85 -10.07
CA MET A 163 -27.10 -3.91 -10.51
C MET A 163 -25.93 -3.88 -9.55
N ARG A 164 -26.20 -4.03 -8.25
CA ARG A 164 -25.14 -4.03 -7.27
C ARG A 164 -24.21 -5.22 -7.44
N LEU A 165 -24.77 -6.41 -7.67
CA LEU A 165 -23.92 -7.57 -7.91
C LEU A 165 -23.12 -7.41 -9.19
N LEU A 166 -23.68 -6.72 -10.18
CA LEU A 166 -22.91 -6.44 -11.38
C LEU A 166 -21.69 -5.54 -11.10
N PHE A 167 -21.91 -4.38 -10.46
CA PHE A 167 -20.76 -3.50 -10.30
C PHE A 167 -19.88 -3.89 -9.13
N GLU A 168 -20.26 -4.91 -8.35
CA GLU A 168 -19.36 -5.47 -7.36
C GLU A 168 -18.70 -6.75 -7.85
N SER A 169 -18.96 -7.17 -9.09
CA SER A 169 -18.33 -8.36 -9.62
C SER A 169 -16.92 -8.07 -10.15
N PRO A 175 -18.07 -18.65 -6.29
CA PRO A 175 -19.54 -18.62 -6.30
C PRO A 175 -20.11 -17.26 -6.68
N THR A 176 -19.64 -16.20 -5.99
CA THR A 176 -20.13 -14.85 -6.23
C THR A 176 -19.90 -14.42 -7.68
N TYR A 177 -18.87 -14.98 -8.33
CA TYR A 177 -18.67 -14.67 -9.74
C TYR A 177 -19.90 -15.01 -10.57
N LEU A 178 -20.43 -16.21 -10.41
CA LEU A 178 -21.58 -16.60 -11.19
C LEU A 178 -22.89 -16.13 -10.56
N GLN A 179 -22.87 -15.68 -9.31
CA GLN A 179 -23.98 -14.88 -8.82
C GLN A 179 -24.11 -13.63 -9.68
N GLY A 180 -22.99 -12.95 -9.91
CA GLY A 180 -23.00 -11.80 -10.80
C GLY A 180 -23.37 -12.17 -12.23
N ARG A 181 -22.94 -13.36 -12.69
CA ARG A 181 -23.33 -13.81 -14.03
C ARG A 181 -24.84 -13.97 -14.15
N LYS A 182 -25.45 -14.65 -13.18
CA LYS A 182 -26.89 -14.83 -13.19
C LYS A 182 -27.61 -13.49 -13.23
N ALA A 183 -27.16 -12.55 -12.38
CA ALA A 183 -27.76 -11.22 -12.39
C ALA A 183 -27.70 -10.61 -13.79
N ARG A 184 -26.52 -10.63 -14.41
CA ARG A 184 -26.40 -10.03 -15.75
C ARG A 184 -27.41 -10.67 -16.72
N SER A 185 -27.57 -11.99 -16.67
CA SER A 185 -28.54 -12.61 -17.57
C SER A 185 -29.95 -12.11 -17.29
N SER A 186 -30.38 -12.15 -16.02
CA SER A 186 -31.73 -11.74 -15.67
C SER A 186 -32.02 -10.31 -16.15
N ALA A 187 -31.10 -9.41 -15.81
CA ALA A 187 -31.17 -8.01 -16.24
C ALA A 187 -31.30 -7.89 -17.75
N GLU A 188 -30.44 -8.61 -18.49
CA GLU A 188 -30.41 -8.48 -19.94
C GLU A 188 -31.69 -8.97 -20.58
N VAL A 189 -32.31 -10.04 -20.07
CA VAL A 189 -33.57 -10.46 -20.69
C VAL A 189 -34.72 -9.53 -20.28
N TRP A 190 -34.69 -9.00 -19.05
CA TRP A 190 -35.64 -7.96 -18.66
C TRP A 190 -35.62 -6.82 -19.68
N ILE A 191 -34.44 -6.23 -19.91
CA ILE A 191 -34.38 -5.08 -20.79
C ILE A 191 -34.55 -5.47 -22.27
N ARG A 192 -34.09 -6.66 -22.67
CA ARG A 192 -34.31 -7.12 -24.05
C ARG A 192 -35.80 -7.22 -24.35
N GLN A 193 -36.53 -7.89 -23.46
CA GLN A 193 -37.99 -7.89 -23.40
C GLN A 193 -38.59 -6.51 -23.67
N MET A 194 -38.22 -5.54 -22.83
CA MET A 194 -38.73 -4.17 -23.00
C MET A 194 -38.38 -3.60 -24.37
N VAL A 195 -37.21 -3.97 -24.92
CA VAL A 195 -36.73 -3.44 -26.20
C VAL A 195 -37.63 -3.88 -27.34
N LYS A 196 -37.93 -5.19 -27.40
CA LYS A 196 -38.82 -5.70 -28.43
C LYS A 196 -40.24 -5.18 -28.26
N GLU A 197 -40.64 -4.86 -27.02
CA GLU A 197 -41.91 -4.15 -26.86
C GLU A 197 -41.82 -2.71 -27.34
N VAL A 198 -40.62 -2.14 -27.41
CA VAL A 198 -40.48 -0.79 -27.96
C VAL A 198 -40.58 -0.82 -29.48
N ARG A 199 -39.80 -1.68 -30.14
CA ARG A 199 -39.80 -1.69 -31.59
C ARG A 199 -41.12 -2.19 -32.17
N SER A 200 -41.94 -2.87 -31.37
CA SER A 200 -43.27 -3.30 -31.81
C SER A 200 -44.39 -2.47 -31.22
N ASN A 201 -44.09 -1.28 -30.68
CA ASN A 201 -45.08 -0.28 -30.28
C ASN A 201 -46.01 -0.75 -29.17
N ARG A 202 -45.66 -1.81 -28.45
CA ARG A 202 -46.41 -2.16 -27.25
C ARG A 202 -45.95 -1.36 -26.02
N LEU A 203 -44.79 -0.71 -26.09
CA LEU A 203 -44.28 0.18 -25.05
C LEU A 203 -43.71 1.41 -25.73
N LEU A 204 -43.95 2.59 -25.15
CA LEU A 204 -43.60 3.86 -25.79
C LEU A 204 -42.83 4.74 -24.82
N PRO A 205 -41.51 4.62 -24.80
CA PRO A 205 -40.70 5.49 -23.93
C PRO A 205 -40.44 6.85 -24.57
N ASN A 206 -40.24 7.83 -23.70
CA ASN A 206 -40.05 9.20 -24.17
C ASN A 206 -38.77 9.34 -24.99
N GLU A 207 -38.79 10.30 -25.91
CA GLU A 207 -37.59 10.71 -26.62
C GLU A 207 -36.54 11.19 -25.61
N HIS A 208 -35.28 11.17 -26.04
CA HIS A 208 -34.15 11.53 -25.20
C HIS A 208 -34.02 10.64 -23.95
N THR A 209 -34.56 9.43 -23.98
CA THR A 209 -34.25 8.40 -22.99
C THR A 209 -33.47 7.25 -23.62
N ALA A 210 -32.73 6.55 -22.78
CA ALA A 210 -31.80 5.53 -23.26
C ALA A 210 -32.53 4.37 -23.94
N LEU A 211 -33.64 3.91 -23.35
CA LEU A 211 -34.35 2.78 -23.95
C LEU A 211 -34.91 3.15 -25.32
N TYR A 212 -35.50 4.35 -25.42
CA TYR A 212 -36.03 4.79 -26.70
C TYR A 212 -34.90 4.99 -27.70
N GLU A 213 -33.95 5.87 -27.37
CA GLU A 213 -32.94 6.21 -28.37
C GLU A 213 -32.02 5.04 -28.71
N PHE A 214 -31.83 4.08 -27.80
CA PHE A 214 -30.97 2.93 -28.06
C PHE A 214 -31.72 1.85 -28.86
N SER A 215 -32.96 1.53 -28.47
CA SER A 215 -33.74 0.54 -29.21
C SER A 215 -33.98 0.96 -30.66
N TRP A 216 -33.99 2.26 -30.94
CA TRP A 216 -34.19 2.79 -32.29
C TRP A 216 -32.88 3.08 -33.01
N HIS A 217 -31.74 2.97 -32.34
CA HIS A 217 -30.48 3.45 -32.90
C HIS A 217 -30.17 2.76 -34.23
N ARG A 218 -29.74 3.57 -35.20
CA ARG A 218 -29.25 3.09 -36.48
C ARG A 218 -27.73 3.17 -36.47
N ASP A 219 -27.06 2.04 -36.63
CA ASP A 219 -25.62 2.09 -36.76
C ASP A 219 -25.22 2.70 -38.12
N GLU A 220 -23.91 2.80 -38.36
CA GLU A 220 -23.41 3.51 -39.54
C GLU A 220 -23.80 2.86 -40.86
N SER A 221 -24.28 1.61 -40.85
CA SER A 221 -24.93 1.03 -42.01
C SER A 221 -26.29 1.68 -42.29
N GLY A 222 -26.93 2.22 -41.26
CA GLY A 222 -28.34 2.58 -41.32
C GLY A 222 -29.27 1.54 -40.75
N GLU A 223 -28.76 0.65 -39.88
CA GLU A 223 -29.45 -0.54 -39.41
C GLU A 223 -29.57 -0.55 -37.89
N LEU A 224 -30.75 -0.96 -37.42
CA LEU A 224 -30.98 -1.19 -35.99
C LEU A 224 -30.01 -2.21 -35.43
N LEU A 225 -29.74 -2.11 -34.11
CA LEU A 225 -28.87 -3.04 -33.41
C LEU A 225 -29.65 -4.24 -32.87
N PRO A 226 -28.98 -5.42 -32.74
CA PRO A 226 -29.64 -6.58 -32.12
C PRO A 226 -30.23 -6.29 -30.76
N GLU A 227 -31.22 -7.09 -30.36
CA GLU A 227 -31.95 -6.81 -29.13
C GLU A 227 -31.06 -7.02 -27.90
N GLU A 228 -30.23 -8.05 -27.93
CA GLU A 228 -29.34 -8.30 -26.79
C GLU A 228 -28.28 -7.21 -26.65
N VAL A 229 -27.78 -6.71 -27.78
CA VAL A 229 -26.81 -5.62 -27.73
C VAL A 229 -27.46 -4.37 -27.15
N VAL A 230 -28.71 -4.08 -27.55
CA VAL A 230 -29.44 -2.94 -26.98
C VAL A 230 -29.62 -3.11 -25.47
N ALA A 231 -29.97 -4.33 -25.05
CA ALA A 231 -30.07 -4.62 -23.62
C ALA A 231 -28.74 -4.33 -22.91
N VAL A 232 -27.64 -4.67 -23.56
CA VAL A 232 -26.32 -4.41 -22.97
C VAL A 232 -26.08 -2.90 -22.84
N GLU A 233 -26.48 -2.13 -23.85
CA GLU A 233 -26.13 -0.71 -23.88
C GLU A 233 -26.95 0.06 -22.87
N VAL A 234 -28.20 -0.35 -22.67
CA VAL A 234 -29.02 0.16 -21.58
C VAL A 234 -28.42 -0.22 -20.22
N LEU A 235 -28.01 -1.49 -20.08
CA LEU A 235 -27.38 -1.91 -18.82
C LEU A 235 -26.10 -1.12 -18.52
N ASN A 236 -25.39 -0.68 -19.55
CA ASN A 236 -24.25 0.21 -19.40
C ASN A 236 -24.66 1.64 -19.10
N ILE A 237 -25.94 1.91 -18.80
CA ILE A 237 -26.33 3.13 -18.14
C ILE A 237 -26.97 2.85 -16.78
N LEU A 238 -27.82 1.84 -16.70
CA LEU A 238 -28.43 1.50 -15.42
C LEU A 238 -27.38 1.14 -14.39
N ARG A 239 -26.48 0.21 -14.72
CA ARG A 239 -25.52 -0.34 -13.76
C ARG A 239 -24.57 0.69 -13.18
N PRO A 240 -23.86 1.51 -13.96
CA PRO A 240 -22.88 2.42 -13.34
C PRO A 240 -23.55 3.59 -12.62
N THR A 241 -24.75 4.01 -13.03
CA THR A 241 -25.48 5.02 -12.28
C THR A 241 -25.75 4.57 -10.85
N VAL A 242 -26.18 3.32 -10.67
CA VAL A 242 -26.32 2.77 -9.34
C VAL A 242 -24.97 2.67 -8.65
N ALA A 243 -23.91 2.30 -9.41
CA ALA A 243 -22.57 2.27 -8.83
C ALA A 243 -22.13 3.61 -8.25
N ILE A 244 -22.71 4.73 -8.71
CA ILE A 244 -22.42 6.06 -8.12
C ILE A 244 -22.64 6.05 -6.60
N SER A 245 -23.42 5.09 -6.08
CA SER A 245 -23.62 4.95 -4.63
C SER A 245 -22.30 4.86 -3.86
N VAL A 246 -21.28 4.23 -4.46
CA VAL A 246 -19.96 4.14 -3.83
C VAL A 246 -19.36 5.52 -3.62
N TYR A 247 -19.40 6.34 -4.67
CA TYR A 247 -18.97 7.73 -4.53
C TYR A 247 -19.87 8.54 -3.59
N VAL A 248 -21.17 8.20 -3.48
CA VAL A 248 -22.02 8.86 -2.48
C VAL A 248 -21.44 8.63 -1.09
N LEU A 249 -21.19 7.37 -0.76
CA LEU A 249 -20.55 7.04 0.49
C LEU A 249 -19.28 7.82 0.70
N PHE A 250 -18.37 7.83 -0.30
CA PHE A 250 -17.11 8.54 -0.12
C PHE A 250 -17.32 10.05 0.04
N THR A 251 -18.34 10.61 -0.60
CA THR A 251 -18.58 12.05 -0.54
C THR A 251 -19.12 12.47 0.84
N VAL A 252 -20.07 11.70 1.37
CA VAL A 252 -20.52 12.01 2.72
C VAL A 252 -19.41 11.72 3.74
N LEU A 253 -18.66 10.62 3.53
CA LEU A 253 -17.49 10.37 4.38
C LEU A 253 -16.51 11.54 4.34
N ALA A 254 -16.25 12.09 3.15
CA ALA A 254 -15.36 13.23 3.06
C ALA A 254 -15.90 14.42 3.85
N LEU A 255 -17.23 14.66 3.75
CA LEU A 255 -17.84 15.71 4.55
C LEU A 255 -17.56 15.51 6.03
N HIS A 256 -17.66 14.27 6.51
CA HIS A 256 -17.50 14.05 7.95
C HIS A 256 -16.04 14.00 8.39
N GLN A 257 -15.17 13.48 7.52
CA GLN A 257 -13.78 13.20 7.78
C GLN A 257 -12.94 14.46 7.73
N PHE A 258 -13.34 15.45 6.93
CA PHE A 258 -12.60 16.69 6.75
C PHE A 258 -13.48 17.91 7.07
N PRO A 259 -13.82 18.13 8.34
CA PRO A 259 -14.73 19.25 8.70
C PRO A 259 -14.32 20.61 8.15
N ASP A 260 -13.02 20.88 8.05
CA ASP A 260 -12.55 22.19 7.59
C ASP A 260 -12.90 22.42 6.13
N VAL A 261 -12.70 21.40 5.26
CA VAL A 261 -13.08 21.61 3.87
C VAL A 261 -14.59 21.69 3.75
N LYS A 262 -15.33 20.94 4.58
CA LYS A 262 -16.77 21.04 4.54
C LYS A 262 -17.21 22.47 4.81
N GLU A 263 -16.60 23.10 5.82
CA GLU A 263 -16.89 24.50 6.09
C GLU A 263 -16.47 25.41 4.94
N GLN A 264 -15.36 25.10 4.25
CA GLN A 264 -15.03 25.88 3.06
C GLN A 264 -16.05 25.71 1.93
N VAL A 265 -16.68 24.53 1.85
CA VAL A 265 -17.74 24.32 0.88
C VAL A 265 -18.94 25.18 1.24
N GLU A 266 -19.34 25.14 2.51
CA GLU A 266 -20.50 25.90 2.96
C GLU A 266 -20.29 27.41 2.86
N ARG A 267 -19.04 27.88 2.99
CA ARG A 267 -18.79 29.32 2.80
C ARG A 267 -18.64 29.71 1.34
N GLY A 268 -18.59 28.75 0.42
CA GLY A 268 -18.37 29.05 -0.98
C GLY A 268 -16.93 29.25 -1.37
N GLU A 269 -15.99 29.05 -0.45
CA GLU A 269 -14.57 29.15 -0.78
C GLU A 269 -14.17 28.08 -1.80
N VAL A 270 -14.69 26.86 -1.67
CA VAL A 270 -14.53 25.83 -2.69
C VAL A 270 -15.90 25.41 -3.19
N SER A 271 -16.01 25.29 -4.51
CA SER A 271 -17.25 24.90 -5.15
C SER A 271 -17.54 23.43 -4.90
N LYS A 272 -18.79 23.05 -5.17
CA LYS A 272 -19.20 21.66 -5.07
C LYS A 272 -18.48 20.80 -6.10
N THR A 273 -18.36 21.31 -7.33
CA THR A 273 -17.66 20.57 -8.38
C THR A 273 -16.24 20.22 -7.96
N GLU A 274 -15.54 21.16 -7.32
CA GLU A 274 -14.15 20.90 -6.96
C GLU A 274 -14.05 19.89 -5.83
N PHE A 275 -14.94 20.00 -4.84
CA PHE A 275 -15.03 18.97 -3.81
C PHE A 275 -15.26 17.60 -4.43
N VAL A 276 -16.12 17.52 -5.43
CA VAL A 276 -16.39 16.25 -6.11
C VAL A 276 -15.15 15.75 -6.82
N GLN A 277 -14.46 16.62 -7.55
CA GLN A 277 -13.25 16.21 -8.23
C GLN A 277 -12.26 15.61 -7.24
N GLU A 278 -12.07 16.28 -6.11
CA GLU A 278 -11.13 15.77 -5.13
C GLU A 278 -11.62 14.49 -4.47
N VAL A 279 -12.94 14.26 -4.40
CA VAL A 279 -13.42 12.96 -3.98
C VAL A 279 -13.03 11.89 -4.99
N ARG A 280 -13.25 12.16 -6.27
CA ARG A 280 -12.90 11.18 -7.29
C ARG A 280 -11.39 10.95 -7.38
N ARG A 281 -10.58 11.94 -7.04
CA ARG A 281 -9.13 11.72 -7.05
C ARG A 281 -8.66 11.00 -5.80
N PHE A 282 -9.27 11.30 -4.65
CA PHE A 282 -8.69 10.88 -3.39
C PHE A 282 -8.97 9.42 -3.06
N TYR A 283 -10.19 8.96 -3.32
CA TYR A 283 -10.71 7.65 -2.94
C TYR A 283 -10.66 6.67 -4.10
N PRO A 284 -10.27 5.44 -3.81
CA PRO A 284 -10.17 4.42 -4.86
C PRO A 284 -11.52 3.89 -5.31
N PHE A 285 -11.65 3.69 -6.62
CA PHE A 285 -12.84 3.04 -7.15
C PHE A 285 -12.51 2.14 -8.36
N PHE A 286 -12.36 2.72 -9.53
CA PHE A 286 -11.93 1.94 -10.69
C PHE A 286 -10.42 1.82 -10.67
N PRO A 287 -9.84 0.62 -10.56
CA PRO A 287 -8.35 0.54 -10.42
C PRO A 287 -7.54 0.69 -11.71
N VAL A 288 -7.82 -0.09 -12.75
CA VAL A 288 -7.05 -0.02 -14.00
C VAL A 288 -8.00 0.00 -15.19
N ALA A 289 -7.58 0.67 -16.25
CA ALA A 289 -8.12 0.47 -17.60
C ALA A 289 -7.24 -0.52 -18.38
N ALA A 290 -7.82 -1.14 -19.41
CA ALA A 290 -7.14 -2.19 -20.14
C ALA A 290 -7.19 -1.94 -21.65
N ALA A 291 -6.22 -2.54 -22.35
CA ALA A 291 -6.10 -2.38 -23.79
C ALA A 291 -5.06 -3.39 -24.28
N ARG A 292 -4.77 -3.34 -25.58
CA ARG A 292 -3.85 -4.26 -26.23
C ARG A 292 -3.04 -3.54 -27.28
N VAL A 293 -1.73 -3.77 -27.25
CA VAL A 293 -0.88 -3.23 -28.29
C VAL A 293 -1.41 -3.68 -29.64
N LYS A 294 -1.53 -2.73 -30.58
CA LYS A 294 -1.98 -3.04 -31.93
C LYS A 294 -0.89 -3.79 -32.70
N THR A 295 0.24 -3.13 -32.94
CA THR A 295 1.44 -3.74 -33.53
C THR A 295 2.67 -3.21 -32.82
N ASP A 296 3.77 -3.97 -32.92
CA ASP A 296 5.05 -3.59 -32.31
C ASP A 296 5.30 -2.10 -32.39
N PHE A 297 5.50 -1.47 -31.23
CA PHE A 297 5.94 -0.09 -31.24
C PHE A 297 6.90 0.14 -30.08
N GLU A 298 7.52 1.31 -30.05
CA GLU A 298 8.42 1.68 -28.98
C GLU A 298 8.02 3.01 -28.39
N TRP A 299 7.96 3.06 -27.06
CA TRP A 299 7.81 4.31 -26.34
C TRP A 299 8.86 4.39 -25.26
N ASP A 300 9.57 5.52 -25.21
CA ASP A 300 10.56 5.82 -24.18
C ASP A 300 11.70 4.81 -24.18
N GLY A 301 12.05 4.31 -25.35
CA GLY A 301 13.09 3.30 -25.48
C GLY A 301 12.65 1.90 -25.09
N TYR A 302 11.36 1.70 -24.81
CA TYR A 302 10.78 0.43 -24.42
C TYR A 302 10.01 -0.16 -25.60
N ALA A 303 10.02 -1.49 -25.70
CA ALA A 303 9.42 -2.18 -26.83
C ALA A 303 8.10 -2.83 -26.39
N PHE A 304 7.02 -2.42 -27.03
CA PHE A 304 5.70 -3.00 -26.85
C PHE A 304 5.42 -3.99 -27.97
N PRO A 305 5.34 -5.29 -27.67
CA PRO A 305 5.02 -6.29 -28.69
C PRO A 305 3.53 -6.44 -28.96
N GLU A 306 3.21 -6.67 -30.24
CA GLU A 306 1.82 -6.72 -30.70
C GLU A 306 1.01 -7.75 -29.92
N GLY A 307 -0.23 -7.41 -29.60
CA GLY A 307 -1.08 -8.30 -28.84
C GLY A 307 -0.91 -8.26 -27.33
N THR A 308 0.12 -7.59 -26.80
CA THR A 308 0.37 -7.62 -25.37
C THR A 308 -0.73 -6.87 -24.62
N LEU A 309 -1.38 -7.57 -23.68
CA LEU A 309 -2.32 -6.93 -22.79
C LEU A 309 -1.60 -5.89 -21.94
N THR A 310 -2.24 -4.74 -21.80
CA THR A 310 -1.69 -3.55 -21.16
C THR A 310 -2.71 -2.96 -20.21
N LEU A 311 -2.22 -2.52 -19.04
CA LEU A 311 -3.04 -1.93 -17.99
C LEU A 311 -2.56 -0.52 -17.70
N LEU A 312 -3.50 0.41 -17.61
CA LEU A 312 -3.25 1.77 -17.15
C LEU A 312 -3.75 1.92 -15.73
N ASP A 313 -2.91 2.49 -14.85
CA ASP A 313 -3.21 2.63 -13.44
C ASP A 313 -3.96 3.94 -13.22
N LEU A 314 -5.26 3.85 -12.98
CA LEU A 314 -6.04 5.08 -12.79
C LEU A 314 -5.84 5.67 -11.39
N TYR A 315 -6.05 4.86 -10.37
CA TYR A 315 -5.87 5.33 -9.00
C TYR A 315 -4.44 5.79 -8.77
N GLY A 316 -3.48 4.93 -9.13
CA GLY A 316 -2.08 5.31 -9.01
C GLY A 316 -1.74 6.60 -9.72
N THR A 317 -2.19 6.76 -10.96
CA THR A 317 -1.93 8.01 -11.65
C THR A 317 -2.56 9.19 -10.89
N ASN A 318 -3.77 9.00 -10.36
CA ASN A 318 -4.42 10.07 -9.60
C ASN A 318 -3.66 10.44 -8.32
N HIS A 319 -2.75 9.57 -7.86
CA HIS A 319 -1.94 9.94 -6.71
C HIS A 319 -0.48 10.20 -7.05
N ASP A 320 -0.17 10.41 -8.32
CA ASP A 320 1.21 10.50 -8.78
C ASP A 320 1.86 11.79 -8.27
N VAL A 321 2.95 11.65 -7.52
CA VAL A 321 3.57 12.81 -6.88
C VAL A 321 4.17 13.77 -7.89
N SER A 322 4.38 13.34 -9.14
CA SER A 322 4.91 14.24 -10.15
C SER A 322 3.83 15.13 -10.71
N ILE A 323 2.58 14.66 -10.68
CA ILE A 323 1.43 15.43 -11.14
C ILE A 323 0.87 16.30 -10.03
N TRP A 324 0.68 15.72 -8.85
CA TRP A 324 -0.06 16.34 -7.75
C TRP A 324 0.89 16.74 -6.63
N THR A 325 0.66 17.92 -6.05
CA THR A 325 1.34 18.35 -4.84
C THR A 325 0.61 17.80 -3.61
N GLU A 326 1.32 17.03 -2.78
CA GLU A 326 0.73 16.37 -1.61
C GLU A 326 -0.48 15.53 -2.00
N PRO A 327 -0.31 14.50 -2.85
CA PRO A 327 -1.46 13.67 -3.25
C PRO A 327 -2.23 13.07 -2.09
N ASP A 328 -1.58 12.94 -0.93
CA ASP A 328 -2.22 12.27 0.20
C ASP A 328 -3.07 13.21 1.05
N ARG A 329 -3.07 14.50 0.74
CA ARG A 329 -3.95 15.47 1.39
C ARG A 329 -5.23 15.62 0.58
N PHE A 330 -6.38 15.62 1.27
CA PHE A 330 -7.67 15.92 0.66
C PHE A 330 -7.83 17.43 0.61
N ASP A 331 -7.73 18.00 -0.59
CA ASP A 331 -7.61 19.45 -0.75
C ASP A 331 -8.23 19.83 -2.07
N PRO A 332 -9.54 20.14 -2.06
CA PRO A 332 -10.22 20.46 -3.33
C PRO A 332 -9.68 21.71 -3.99
N SER A 333 -9.11 22.64 -3.22
CA SER A 333 -8.52 23.85 -3.80
C SER A 333 -7.41 23.55 -4.80
N ARG A 334 -6.90 22.31 -4.86
CA ARG A 334 -5.93 21.99 -5.89
C ARG A 334 -6.53 22.09 -7.29
N PHE A 335 -7.86 22.16 -7.41
CA PHE A 335 -8.57 22.26 -8.69
C PHE A 335 -9.02 23.68 -9.02
N LYS A 336 -8.72 24.65 -8.17
CA LYS A 336 -9.20 26.03 -8.35
C LYS A 336 -8.03 26.98 -8.19
N ASP A 337 -7.64 27.66 -9.27
CA ASP A 337 -8.16 27.43 -10.62
C ASP A 337 -7.16 26.57 -11.36
N TRP A 338 -7.54 25.34 -11.69
CA TRP A 338 -6.65 24.42 -12.39
C TRP A 338 -7.47 23.56 -13.33
N LYS A 339 -7.15 23.63 -14.63
CA LYS A 339 -7.76 22.72 -15.59
C LYS A 339 -6.87 21.51 -15.77
N GLU A 340 -7.49 20.33 -15.77
CA GLU A 340 -6.74 19.10 -15.98
C GLU A 340 -6.52 18.89 -17.47
N SER A 341 -5.43 18.22 -17.80
CA SER A 341 -5.26 17.67 -19.14
C SER A 341 -6.11 16.41 -19.22
N PRO A 342 -6.27 15.82 -20.42
CA PRO A 342 -7.05 14.59 -20.52
C PRO A 342 -6.33 13.33 -20.03
N PHE A 343 -5.10 13.46 -19.55
CA PHE A 343 -4.27 12.31 -19.17
C PHE A 343 -3.76 12.35 -17.74
N ASN A 344 -3.76 13.51 -17.07
CA ASN A 344 -3.18 13.59 -15.74
C ASN A 344 -4.18 13.27 -14.59
N PHE A 345 -5.48 13.32 -14.84
CA PHE A 345 -6.50 13.11 -13.81
C PHE A 345 -7.55 12.22 -14.45
N ILE A 346 -7.59 10.95 -14.07
CA ILE A 346 -8.35 9.99 -14.90
C ILE A 346 -9.16 8.99 -14.11
N PRO A 347 -9.88 9.40 -13.05
CA PRO A 347 -10.67 8.42 -12.28
C PRO A 347 -11.72 7.71 -13.10
N GLN A 348 -12.16 8.28 -14.21
CA GLN A 348 -13.12 7.60 -15.07
C GLN A 348 -12.54 7.52 -16.50
N GLY A 349 -11.25 7.19 -16.60
CA GLY A 349 -10.62 7.10 -17.90
C GLY A 349 -9.97 8.40 -18.34
N GLY A 350 -9.07 8.29 -19.32
CA GLY A 350 -8.41 9.42 -19.92
C GLY A 350 -8.77 9.59 -21.39
N GLY A 351 -8.19 10.61 -21.99
CA GLY A 351 -8.38 10.88 -23.40
C GLY A 351 -9.63 11.68 -23.70
N ASP A 352 -9.98 11.67 -24.98
CA ASP A 352 -11.13 12.41 -25.46
C ASP A 352 -12.37 11.52 -25.40
N VAL A 353 -13.45 12.03 -24.80
CA VAL A 353 -14.67 11.23 -24.59
C VAL A 353 -15.25 10.76 -25.93
N ASP A 354 -15.31 11.64 -26.91
CA ASP A 354 -16.09 11.34 -28.11
C ASP A 354 -15.35 10.42 -29.07
N PHE A 355 -14.02 10.51 -29.14
CA PHE A 355 -13.23 9.69 -30.05
C PHE A 355 -12.40 8.63 -29.33
N GLY A 356 -12.39 8.59 -28.00
CA GLY A 356 -11.77 7.52 -27.25
C GLY A 356 -12.73 6.88 -26.27
N HIS A 357 -12.21 5.90 -25.52
CA HIS A 357 -13.01 5.04 -24.64
C HIS A 357 -13.23 5.62 -23.25
N ARG A 358 -12.91 6.89 -23.05
CA ARG A 358 -13.15 7.55 -21.79
C ARG A 358 -14.61 7.37 -21.37
N CYS A 359 -14.84 7.39 -20.05
CA CYS A 359 -16.17 7.15 -19.50
C CYS A 359 -17.22 8.10 -20.05
N ALA A 360 -18.39 7.53 -20.36
CA ALA A 360 -19.51 8.30 -20.88
C ALA A 360 -20.22 9.14 -19.81
N GLY A 361 -20.11 8.76 -18.53
CA GLY A 361 -21.04 9.25 -17.51
C GLY A 361 -20.46 10.21 -16.50
N GLU A 362 -19.43 10.97 -16.91
CA GLU A 362 -18.69 11.80 -15.96
C GLU A 362 -19.50 12.99 -15.52
N HIS A 363 -20.11 13.67 -16.47
CA HIS A 363 -21.00 14.78 -16.12
C HIS A 363 -22.13 14.30 -15.22
N VAL A 364 -22.73 13.14 -15.53
CA VAL A 364 -23.77 12.58 -14.67
C VAL A 364 -23.24 12.33 -13.27
N THR A 365 -22.06 11.67 -13.18
CA THR A 365 -21.44 11.35 -11.89
C THR A 365 -21.22 12.61 -11.06
N ILE A 366 -20.67 13.65 -11.69
CA ILE A 366 -20.35 14.89 -10.98
C ILE A 366 -21.63 15.62 -10.57
N ALA A 367 -22.64 15.63 -11.43
CA ALA A 367 -23.86 16.36 -11.08
C ALA A 367 -24.57 15.69 -9.91
N ILE A 368 -24.63 14.35 -9.93
CA ILE A 368 -25.29 13.61 -8.85
C ILE A 368 -24.55 13.78 -7.54
N LEU A 369 -23.21 13.73 -7.56
CA LEU A 369 -22.44 13.93 -6.33
C LEU A 369 -22.49 15.38 -5.83
N ALA A 370 -22.60 16.36 -6.73
CA ALA A 370 -22.73 17.74 -6.28
C ALA A 370 -24.07 17.96 -5.56
N GLN A 371 -25.16 17.45 -6.15
CA GLN A 371 -26.46 17.51 -5.48
C GLN A 371 -26.43 16.80 -4.13
N VAL A 372 -25.69 15.69 -4.02
CA VAL A 372 -25.51 15.03 -2.72
C VAL A 372 -24.82 15.97 -1.72
N ILE A 373 -23.80 16.70 -2.15
CA ILE A 373 -23.16 17.63 -1.22
C ILE A 373 -24.20 18.62 -0.69
N GLU A 374 -25.02 19.16 -1.60
CA GLU A 374 -26.07 20.10 -1.21
C GLU A 374 -27.04 19.50 -0.20
N LEU A 375 -27.56 18.30 -0.47
CA LEU A 375 -28.51 17.69 0.44
C LEU A 375 -27.88 17.42 1.80
N PHE A 376 -26.67 16.90 1.83
CA PHE A 376 -26.10 16.44 3.09
C PHE A 376 -25.33 17.52 3.82
N THR A 377 -25.30 18.74 3.30
CA THR A 377 -24.88 19.88 4.10
C THR A 377 -26.01 20.85 4.39
N LYS A 378 -26.78 21.23 3.38
CA LYS A 378 -27.80 22.25 3.58
C LYS A 378 -29.17 21.65 3.91
N GLU A 379 -29.56 20.55 3.26
CA GLU A 379 -30.95 20.15 3.37
C GLU A 379 -31.19 19.31 4.63
N TYR A 380 -30.26 18.43 4.96
CA TYR A 380 -30.45 17.46 6.02
C TYR A 380 -29.42 17.68 7.11
N ALA A 381 -29.81 17.29 8.30
CA ALA A 381 -28.97 17.21 9.47
C ALA A 381 -29.00 15.75 9.93
N TYR A 382 -27.92 15.32 10.58
CA TYR A 382 -27.77 13.90 10.89
C TYR A 382 -26.56 13.72 11.77
N THR A 383 -26.55 12.60 12.48
CA THR A 383 -25.43 12.17 13.30
C THR A 383 -24.74 11.00 12.61
N VAL A 384 -23.42 10.95 12.71
CA VAL A 384 -22.61 9.78 12.33
C VAL A 384 -22.16 9.13 13.64
N PRO A 385 -22.79 8.06 14.10
CA PRO A 385 -22.38 7.46 15.37
C PRO A 385 -21.04 6.78 15.21
N PRO A 386 -20.34 6.47 16.30
CA PRO A 386 -19.08 5.71 16.16
C PRO A 386 -19.36 4.41 15.43
N GLN A 387 -18.42 4.04 14.55
CA GLN A 387 -18.58 2.96 13.60
C GLN A 387 -17.29 2.81 12.77
N ASP A 388 -17.22 1.77 11.95
CA ASP A 388 -16.05 1.49 11.11
C ASP A 388 -16.19 2.21 9.79
N LEU A 389 -15.59 3.39 9.72
CA LEU A 389 -15.58 4.19 8.50
C LEU A 389 -14.33 3.93 7.65
N SER A 390 -13.48 2.98 8.02
CA SER A 390 -12.33 2.68 7.18
C SER A 390 -12.77 2.00 5.91
N TYR A 391 -11.96 2.15 4.88
CA TYR A 391 -12.16 1.48 3.61
C TYR A 391 -10.82 0.87 3.18
N SER A 392 -10.90 -0.18 2.38
CA SER A 392 -9.74 -0.97 2.01
C SER A 392 -8.98 -0.35 0.84
N PHE A 393 -7.66 -0.48 0.88
CA PHE A 393 -6.90 -0.19 -0.34
C PHE A 393 -6.62 -1.44 -1.17
N VAL A 394 -7.07 -2.61 -0.75
CA VAL A 394 -6.66 -3.84 -1.41
C VAL A 394 -7.87 -4.61 -1.93
N ASP A 395 -9.00 -4.45 -1.27
CA ASP A 395 -10.23 -5.04 -1.77
C ASP A 395 -10.90 -4.11 -2.77
N MET A 396 -11.46 -4.71 -3.81
CA MET A 396 -12.04 -3.98 -4.91
C MET A 396 -13.47 -4.45 -5.13
N PRO A 397 -14.45 -3.53 -5.18
CA PRO A 397 -14.21 -2.11 -4.92
C PRO A 397 -14.15 -1.77 -3.43
N SER A 398 -13.60 -0.60 -3.13
CA SER A 398 -13.45 -0.17 -1.75
C SER A 398 -14.76 0.44 -1.25
N LEU A 399 -15.07 0.20 0.02
CA LEU A 399 -16.31 0.73 0.65
C LEU A 399 -16.00 0.99 2.10
N PRO A 400 -16.41 2.14 2.65
CA PRO A 400 -16.41 2.28 4.10
C PRO A 400 -17.18 1.10 4.69
N LYS A 401 -16.59 0.49 5.72
CA LYS A 401 -17.04 -0.82 6.19
C LYS A 401 -18.48 -0.80 6.73
N SER A 402 -18.83 0.21 7.53
CA SER A 402 -20.16 0.31 8.10
C SER A 402 -21.25 0.63 7.07
N LYS A 403 -20.86 0.98 5.84
CA LYS A 403 -21.77 1.43 4.78
C LYS A 403 -22.42 2.76 5.10
N LEU A 404 -21.80 3.59 5.96
CA LEU A 404 -22.28 4.92 6.34
C LEU A 404 -23.62 4.89 7.05
N ARG A 405 -23.59 4.59 8.33
CA ARG A 405 -24.82 4.52 9.13
C ARG A 405 -25.11 5.91 9.69
N LEU A 406 -26.21 6.51 9.27
CA LEU A 406 -26.59 7.86 9.69
C LEU A 406 -27.78 7.76 10.63
N THR A 407 -27.72 8.54 11.72
CA THR A 407 -28.81 8.57 12.70
C THR A 407 -29.32 10.00 12.88
N HIS A 408 -30.53 10.10 13.45
CA HIS A 408 -31.17 11.37 13.81
C HIS A 408 -31.29 12.27 12.59
N LEU A 409 -31.66 11.68 11.46
CA LEU A 409 -31.63 12.39 10.18
C LEU A 409 -32.92 13.19 10.01
N THR A 410 -32.81 14.51 10.12
CA THR A 410 -33.94 15.40 10.06
C THR A 410 -33.66 16.50 9.06
N ARG A 411 -34.74 17.10 8.56
CA ARG A 411 -34.61 18.27 7.70
C ARG A 411 -34.06 19.43 8.53
N ASN A 412 -33.22 20.26 7.92
CA ASN A 412 -32.72 21.47 8.58
C ASN A 412 -33.81 22.54 8.64
N GLY B 2 -12.28 13.82 24.81
CA GLY B 2 -13.26 12.75 24.91
C GLY B 2 -13.59 12.09 23.59
N LYS B 3 -12.63 11.34 23.06
CA LYS B 3 -12.80 10.79 21.73
C LYS B 3 -12.89 9.27 21.81
N VAL B 4 -13.42 8.71 20.77
CA VAL B 4 -13.52 7.27 20.58
C VAL B 4 -12.37 6.86 19.66
N ILE B 5 -11.70 5.76 19.96
CA ILE B 5 -10.61 5.35 19.07
C ILE B 5 -11.20 4.64 17.86
N PRO B 6 -10.91 5.09 16.62
CA PRO B 6 -11.40 4.37 15.44
C PRO B 6 -11.16 2.87 15.55
N LYS B 7 -12.21 2.07 15.42
CA LYS B 7 -12.15 0.63 15.59
C LYS B 7 -12.58 -0.07 14.31
N GLN B 8 -11.79 -1.06 13.91
CA GLN B 8 -12.08 -1.90 12.74
C GLN B 8 -13.06 -2.98 13.19
N GLU B 9 -14.13 -3.19 12.43
CA GLU B 9 -15.04 -4.24 12.81
C GLU B 9 -14.50 -5.59 12.35
N GLY B 10 -15.03 -6.65 12.96
CA GLY B 10 -14.55 -7.99 12.70
C GLY B 10 -13.81 -8.58 13.89
N LEU B 11 -13.73 -9.91 13.92
CA LEU B 11 -13.16 -10.58 15.08
C LEU B 11 -11.64 -10.74 15.05
N ASP B 12 -11.02 -10.82 13.87
CA ASP B 12 -9.58 -11.04 13.78
C ASP B 12 -9.02 -10.39 12.52
N HIS B 13 -7.98 -9.57 12.69
CA HIS B 13 -7.34 -8.88 11.59
C HIS B 13 -5.92 -9.35 11.37
N SER B 14 -5.53 -10.46 12.01
CA SER B 14 -4.21 -11.02 11.77
C SER B 14 -4.01 -11.33 10.29
N VAL B 15 -5.01 -11.96 9.66
CA VAL B 15 -4.96 -12.22 8.23
C VAL B 15 -4.74 -10.93 7.45
N ASP B 16 -5.37 -9.82 7.88
CA ASP B 16 -5.18 -8.56 7.15
C ASP B 16 -3.79 -8.00 7.38
N PHE B 17 -3.22 -8.23 8.57
CA PHE B 17 -1.87 -7.78 8.82
C PHE B 17 -0.87 -8.54 7.96
N LEU B 18 -1.06 -9.85 7.80
CA LEU B 18 -0.21 -10.62 6.90
C LEU B 18 -0.42 -10.19 5.46
N ARG B 19 -1.66 -9.88 5.10
CA ARG B 19 -1.93 -9.53 3.71
C ARG B 19 -1.24 -8.22 3.35
N GLU B 20 -1.29 -7.23 4.24
CA GLU B 20 -0.83 -5.90 3.88
C GLU B 20 0.57 -5.54 4.41
N GLY B 21 1.15 -6.35 5.30
CA GLY B 21 2.47 -6.09 5.88
C GLY B 21 2.82 -4.67 6.28
N TYR B 22 3.79 -4.08 5.60
CA TYR B 22 4.27 -2.75 5.97
C TYR B 22 3.23 -1.68 5.72
N LEU B 23 2.21 -1.97 4.93
CA LEU B 23 1.18 -0.98 4.63
C LEU B 23 -0.07 -1.09 5.52
N PHE B 24 -0.07 -1.96 6.54
CA PHE B 24 -1.26 -2.14 7.38
C PHE B 24 -1.60 -0.87 8.17
N VAL B 25 -0.63 -0.41 8.99
CA VAL B 25 -0.88 0.77 9.80
C VAL B 25 -1.11 1.98 8.90
N ALA B 26 -0.25 2.20 7.90
CA ALA B 26 -0.38 3.38 7.05
C ALA B 26 -1.71 3.40 6.31
N ASN B 27 -2.18 2.24 5.84
CA ASN B 27 -3.45 2.21 5.14
C ASN B 27 -4.57 2.66 6.06
N ARG B 28 -4.55 2.17 7.32
CA ARG B 28 -5.61 2.49 8.26
C ARG B 28 -5.51 3.90 8.83
N ARG B 29 -4.30 4.43 9.03
CA ARG B 29 -4.16 5.84 9.36
C ARG B 29 -4.70 6.74 8.26
N LYS B 30 -4.46 6.42 6.98
CA LYS B 30 -5.05 7.22 5.90
C LYS B 30 -6.57 7.03 5.88
N SER B 31 -7.02 5.78 5.94
CA SER B 31 -8.41 5.42 5.77
C SER B 31 -9.27 6.11 6.81
N PHE B 32 -8.94 5.91 8.10
CA PHE B 32 -9.54 6.57 9.25
C PHE B 32 -9.19 8.05 9.38
N GLN B 33 -8.14 8.55 8.70
CA GLN B 33 -7.64 9.92 8.92
C GLN B 33 -7.31 10.15 10.39
N SER B 34 -6.51 9.25 10.94
CA SER B 34 -6.20 9.25 12.36
C SER B 34 -4.76 8.78 12.52
N ASN B 35 -4.10 9.24 13.58
CA ASN B 35 -2.81 8.70 13.99
C ASN B 35 -2.98 7.56 14.96
N ILE B 36 -4.21 7.16 15.24
CA ILE B 36 -4.45 6.06 16.16
C ILE B 36 -5.67 5.30 15.67
N PHE B 37 -5.64 4.00 15.86
CA PHE B 37 -6.83 3.20 15.63
C PHE B 37 -6.64 1.91 16.40
N GLU B 38 -7.64 1.05 16.31
CA GLU B 38 -7.69 -0.15 17.12
C GLU B 38 -8.10 -1.31 16.23
N SER B 39 -7.35 -2.40 16.30
CA SER B 39 -7.62 -3.61 15.54
C SER B 39 -7.65 -4.77 16.52
N ARG B 40 -7.99 -5.95 16.01
CA ARG B 40 -7.87 -7.16 16.80
C ARG B 40 -6.91 -8.12 16.10
N LEU B 41 -5.89 -8.53 16.82
CA LEU B 41 -4.92 -9.47 16.27
C LEU B 41 -4.22 -10.17 17.40
N LEU B 42 -3.63 -11.32 17.08
CA LEU B 42 -3.06 -12.22 18.08
C LEU B 42 -4.02 -12.41 19.26
N GLY B 43 -5.32 -12.50 18.95
CA GLY B 43 -6.34 -12.81 19.93
C GLY B 43 -6.75 -11.67 20.83
N GLU B 44 -6.22 -10.47 20.59
CA GLU B 44 -6.33 -9.37 21.54
C GLU B 44 -6.73 -8.09 20.83
N ARG B 45 -7.30 -7.16 21.61
CA ARG B 45 -7.34 -5.77 21.19
C ARG B 45 -5.92 -5.23 21.05
N VAL B 46 -5.66 -4.52 19.96
CA VAL B 46 -4.38 -3.88 19.74
C VAL B 46 -4.63 -2.45 19.32
N ILE B 47 -3.87 -1.53 19.90
CA ILE B 47 -3.88 -0.13 19.50
C ILE B 47 -2.69 0.13 18.61
N CYS B 48 -2.93 0.73 17.44
CA CYS B 48 -1.89 1.12 16.52
C CYS B 48 -1.75 2.64 16.48
N LEU B 49 -0.49 3.08 16.35
CA LEU B 49 -0.11 4.47 16.38
C LEU B 49 0.92 4.73 15.29
N GLY B 50 0.95 5.99 14.84
CA GLY B 50 2.00 6.41 13.93
C GLY B 50 2.17 7.91 14.03
N GLY B 51 3.36 8.38 13.68
CA GLY B 51 3.67 9.80 13.66
C GLY B 51 4.51 10.24 14.84
N GLU B 52 5.04 11.47 14.73
CA GLU B 52 5.91 12.06 15.75
C GLU B 52 5.35 12.01 17.17
N GLU B 53 4.10 12.47 17.35
CA GLU B 53 3.58 12.69 18.70
C GLU B 53 3.18 11.39 19.36
N ALA B 54 2.56 10.49 18.59
CA ALA B 54 2.31 9.15 19.10
C ALA B 54 3.61 8.46 19.44
N ALA B 55 4.69 8.74 18.68
CA ALA B 55 6.00 8.15 18.97
C ALA B 55 6.52 8.64 20.30
N GLU B 56 6.52 9.97 20.51
CA GLU B 56 6.92 10.50 21.81
C GLU B 56 6.10 9.87 22.93
N VAL B 57 4.81 9.59 22.69
CA VAL B 57 4.01 8.98 23.77
C VAL B 57 4.38 7.52 23.96
N PHE B 58 4.55 6.78 22.87
CA PHE B 58 4.91 5.37 22.95
C PHE B 58 6.21 5.16 23.72
N TYR B 59 7.18 6.07 23.61
CA TYR B 59 8.47 5.99 24.29
C TYR B 59 8.50 6.73 25.62
N ASP B 60 7.34 7.06 26.18
CA ASP B 60 7.24 7.67 27.51
C ASP B 60 7.16 6.54 28.54
N ALA B 61 8.27 6.28 29.23
CA ALA B 61 8.31 5.17 30.18
C ALA B 61 7.30 5.31 31.32
N ASN B 62 6.71 6.49 31.51
CA ASN B 62 5.66 6.63 32.53
C ASN B 62 4.39 5.93 32.10
N LYS B 63 4.15 5.78 30.78
CA LYS B 63 2.88 5.31 30.25
C LYS B 63 2.92 3.95 29.58
N PHE B 64 4.10 3.50 29.12
CA PHE B 64 4.22 2.25 28.40
C PHE B 64 5.33 1.39 28.99
N THR B 65 5.15 0.07 28.84
CA THR B 65 6.03 -0.94 29.38
C THR B 65 6.26 -2.01 28.33
N ARG B 66 7.49 -2.50 28.26
CA ARG B 66 7.81 -3.63 27.38
C ARG B 66 7.64 -4.95 28.11
N GLN B 67 7.33 -4.92 29.41
CA GLN B 67 6.94 -6.11 30.15
C GLN B 67 5.82 -6.84 29.44
N ASP B 68 6.09 -8.06 28.98
CA ASP B 68 5.18 -8.93 28.25
C ASP B 68 4.70 -8.32 26.93
N ALA B 69 5.31 -7.23 26.48
CA ALA B 69 4.91 -6.61 25.22
C ALA B 69 5.06 -7.58 24.05
N ALA B 70 6.28 -8.04 23.81
CA ALA B 70 6.59 -8.81 22.62
C ALA B 70 5.86 -10.17 22.65
N PRO B 71 5.29 -10.61 21.54
CA PRO B 71 4.58 -11.89 21.52
C PRO B 71 5.54 -13.06 21.62
N LYS B 72 5.07 -14.14 22.26
CA LYS B 72 5.96 -15.26 22.57
C LYS B 72 6.49 -15.94 21.31
N ARG B 73 5.75 -15.88 20.19
CA ARG B 73 6.25 -16.41 18.93
C ARG B 73 7.62 -15.81 18.59
N LEU B 74 7.69 -14.49 18.60
CA LEU B 74 8.96 -13.81 18.32
C LEU B 74 9.99 -14.05 19.41
N LEU B 75 9.56 -14.13 20.68
CA LEU B 75 10.51 -14.50 21.72
C LEU B 75 11.16 -15.83 21.39
N LYS B 76 10.40 -16.73 20.76
CA LYS B 76 10.90 -18.07 20.44
C LYS B 76 11.79 -18.09 19.22
N THR B 77 11.56 -17.20 18.25
CA THR B 77 12.34 -17.28 17.01
C THR B 77 13.32 -16.14 16.79
N LEU B 78 12.92 -14.89 17.02
CA LEU B 78 13.70 -13.73 16.61
C LEU B 78 14.43 -13.01 17.75
N PHE B 79 13.86 -12.90 18.94
CA PHE B 79 14.42 -12.02 19.97
C PHE B 79 15.21 -12.74 21.05
N GLY B 80 14.87 -13.97 21.39
CA GLY B 80 15.42 -14.60 22.57
C GLY B 80 14.70 -14.20 23.84
N GLU B 81 14.83 -15.06 24.86
CA GLU B 81 14.15 -14.87 26.12
C GLU B 81 15.08 -14.25 27.16
N GLY B 82 14.48 -13.39 28.01
CA GLY B 82 15.26 -12.63 28.96
C GLY B 82 16.23 -11.62 28.37
N GLY B 83 16.20 -11.40 27.06
CA GLY B 83 17.08 -10.43 26.46
C GLY B 83 16.75 -9.04 26.93
N VAL B 84 17.64 -8.09 26.57
CA VAL B 84 17.42 -6.70 26.96
C VAL B 84 16.04 -6.20 26.51
N GLN B 85 15.50 -6.78 25.42
CA GLN B 85 14.21 -6.37 24.89
C GLN B 85 13.12 -6.44 25.95
N THR B 86 13.24 -7.36 26.90
CA THR B 86 12.16 -7.72 27.81
C THR B 86 12.29 -7.07 29.19
N LEU B 87 13.13 -6.04 29.34
CA LEU B 87 13.51 -5.52 30.65
C LEU B 87 12.85 -4.17 30.96
N ASP B 88 13.03 -3.78 32.23
CA ASP B 88 12.28 -2.77 32.96
C ASP B 88 13.23 -1.91 33.77
N GLY B 89 12.85 -0.63 33.95
CA GLY B 89 13.54 0.33 34.81
C GLY B 89 15.06 0.25 34.93
N SER B 90 15.54 0.14 36.19
CA SER B 90 16.97 0.15 36.48
C SER B 90 17.68 -1.06 35.92
N GLU B 91 17.01 -2.22 35.95
CA GLU B 91 17.58 -3.44 35.38
C GLU B 91 17.83 -3.26 33.90
N HIS B 92 16.84 -2.70 33.19
CA HIS B 92 16.99 -2.44 31.78
C HIS B 92 18.08 -1.41 31.52
N THR B 93 18.13 -0.34 32.32
CA THR B 93 19.14 0.68 32.10
C THR B 93 20.54 0.10 32.27
N HIS B 94 20.70 -0.76 33.27
CA HIS B 94 21.99 -1.40 33.54
C HIS B 94 22.40 -2.33 32.39
N ARG B 95 21.45 -3.14 31.89
CA ARG B 95 21.83 -4.05 30.81
C ARG B 95 22.09 -3.31 29.50
N LYS B 96 21.28 -2.29 29.22
CA LYS B 96 21.48 -1.45 28.05
C LYS B 96 22.82 -0.72 28.11
N GLN B 97 23.27 -0.34 29.31
CA GLN B 97 24.62 0.19 29.43
C GLN B 97 25.65 -0.89 29.12
N MET B 98 25.33 -2.16 29.42
CA MET B 98 26.21 -3.24 28.98
C MET B 98 26.34 -3.29 27.46
N PHE B 99 25.23 -3.11 26.73
CA PHE B 99 25.34 -3.13 25.27
C PHE B 99 26.07 -1.89 24.75
N MET B 100 25.74 -0.70 25.28
CA MET B 100 26.37 0.51 24.75
C MET B 100 27.85 0.62 25.09
N SER B 101 28.37 -0.21 26.01
CA SER B 101 29.81 -0.18 26.29
C SER B 101 30.63 -0.59 25.06
N LEU B 102 30.06 -1.41 24.19
CA LEU B 102 30.71 -1.90 22.98
C LEU B 102 30.74 -0.84 21.89
N MET B 103 29.72 -0.02 21.83
CA MET B 103 29.56 0.93 20.73
C MET B 103 30.43 2.15 20.89
N THR B 104 31.65 1.96 21.36
CA THR B 104 32.63 3.03 21.31
C THR B 104 33.20 3.13 19.90
N LYS B 105 33.63 4.35 19.54
CA LYS B 105 34.24 4.60 18.24
C LYS B 105 35.37 3.62 17.95
N GLU B 106 36.16 3.28 18.98
CA GLU B 106 37.31 2.40 18.83
C GLU B 106 36.92 0.96 18.55
N ASN B 107 35.96 0.44 19.33
CA ASN B 107 35.53 -0.94 19.12
C ASN B 107 34.79 -1.10 17.79
N ILE B 108 34.03 -0.09 17.41
CA ILE B 108 33.38 -0.12 16.11
C ILE B 108 34.42 -0.06 15.00
N ASP B 109 35.49 0.72 15.18
CA ASP B 109 36.58 0.72 14.22
C ASP B 109 37.16 -0.68 14.05
N ARG B 110 37.33 -1.41 15.15
CA ARG B 110 37.75 -2.81 15.02
C ARG B 110 36.79 -3.57 14.12
N LEU B 111 35.48 -3.46 14.39
CA LEU B 111 34.50 -4.14 13.56
C LEU B 111 34.66 -3.79 12.09
N LEU B 112 34.83 -2.50 11.79
CA LEU B 112 34.85 -2.07 10.40
C LEU B 112 36.13 -2.53 9.69
N ARG B 113 37.21 -2.75 10.46
CA ARG B 113 38.40 -3.36 9.88
C ARG B 113 38.14 -4.82 9.56
N LEU B 114 37.39 -5.51 10.43
CA LEU B 114 37.05 -6.90 10.13
C LEU B 114 36.14 -7.01 8.91
N THR B 115 35.19 -6.10 8.76
CA THR B 115 34.31 -6.14 7.59
C THR B 115 35.06 -5.76 6.32
N TYR B 116 35.88 -4.71 6.37
CA TYR B 116 36.72 -4.38 5.21
C TYR B 116 37.55 -5.58 4.77
N ARG B 117 38.18 -6.26 5.73
CA ARG B 117 38.97 -7.44 5.41
C ARG B 117 38.13 -8.51 4.73
N GLU B 118 36.97 -8.84 5.30
CA GLU B 118 36.12 -9.87 4.69
C GLU B 118 35.65 -9.44 3.30
N TRP B 119 35.17 -8.20 3.15
CA TRP B 119 34.74 -7.69 1.85
C TRP B 119 35.82 -7.85 0.78
N ASN B 120 37.10 -7.72 1.16
CA ASN B 120 38.19 -7.86 0.19
C ASN B 120 38.14 -9.18 -0.56
N GLN B 121 37.64 -10.24 0.08
CA GLN B 121 37.71 -11.58 -0.49
C GLN B 121 36.67 -11.84 -1.56
N ILE B 122 35.61 -11.02 -1.62
CA ILE B 122 34.58 -11.22 -2.62
C ILE B 122 35.12 -11.11 -4.03
N GLU B 123 36.27 -10.44 -4.20
CA GLU B 123 36.90 -10.36 -5.50
C GLU B 123 37.30 -11.75 -6.00
N ARG B 124 37.60 -12.67 -5.08
CA ARG B 124 37.85 -14.08 -5.40
C ARG B 124 36.57 -14.89 -5.55
N MET B 125 35.39 -14.24 -5.61
CA MET B 125 34.16 -14.93 -6.00
C MET B 125 33.97 -14.92 -7.51
N GLY B 126 34.88 -14.28 -8.23
CA GLY B 126 34.77 -14.25 -9.67
C GLY B 126 33.67 -13.32 -10.16
N GLU B 127 33.22 -13.61 -11.38
CA GLU B 127 32.41 -12.76 -12.23
C GLU B 127 30.94 -12.70 -11.83
N GLU B 128 30.49 -13.53 -10.90
CA GLU B 128 29.08 -13.72 -10.67
C GLU B 128 28.83 -13.89 -9.18
N ILE B 129 28.26 -12.88 -8.53
CA ILE B 129 27.94 -12.97 -7.12
C ILE B 129 26.46 -12.69 -6.89
N VAL B 130 25.86 -13.42 -5.96
CA VAL B 130 24.61 -13.01 -5.30
C VAL B 130 25.00 -12.17 -4.08
N LEU B 131 24.68 -10.87 -4.11
CA LEU B 131 25.12 -9.96 -3.05
C LEU B 131 24.57 -10.33 -1.67
N TYR B 132 23.35 -10.86 -1.60
CA TYR B 132 22.76 -11.19 -0.30
C TYR B 132 23.52 -12.31 0.38
N ASP B 133 23.89 -13.34 -0.37
CA ASP B 133 24.67 -14.45 0.19
C ASP B 133 26.02 -13.96 0.72
N ILE B 134 26.78 -13.30 -0.15
CA ILE B 134 28.12 -12.83 0.18
C ILE B 134 28.08 -11.85 1.34
N ALA B 135 27.16 -10.89 1.29
CA ALA B 135 26.97 -9.96 2.39
C ALA B 135 26.77 -10.70 3.71
N GLN B 136 25.86 -11.68 3.71
CA GLN B 136 25.63 -12.42 4.95
C GLN B 136 26.91 -13.04 5.48
N GLU B 137 27.67 -13.69 4.59
CA GLU B 137 28.88 -14.40 5.05
C GLU B 137 29.95 -13.41 5.54
N VAL B 138 30.08 -12.28 4.85
CA VAL B 138 31.03 -11.23 5.25
C VAL B 138 30.71 -10.76 6.64
N LEU B 139 29.43 -10.47 6.88
CA LEU B 139 28.99 -9.96 8.17
C LEU B 139 29.13 -11.00 9.25
N MET B 140 28.80 -12.26 8.96
CA MET B 140 28.90 -13.29 9.98
C MET B 140 30.35 -13.49 10.43
N LYS B 141 31.26 -13.64 9.47
CA LYS B 141 32.68 -13.80 9.83
C LYS B 141 33.20 -12.59 10.57
N ALA B 142 32.86 -11.40 10.10
CA ALA B 142 33.34 -10.18 10.74
C ALA B 142 32.79 -10.06 12.16
N VAL B 143 31.47 -10.25 12.33
CA VAL B 143 30.88 -10.00 13.64
C VAL B 143 31.28 -11.08 14.63
N CYS B 144 31.46 -12.31 14.14
CA CYS B 144 31.94 -13.38 15.02
C CYS B 144 33.33 -13.05 15.53
N GLU B 145 34.23 -12.66 14.62
CA GLU B 145 35.58 -12.29 15.05
C GLU B 145 35.52 -11.11 15.99
N TRP B 146 34.65 -10.14 15.68
CA TRP B 146 34.55 -8.95 16.50
C TRP B 146 34.11 -9.28 17.92
N SER B 147 33.26 -10.28 18.09
CA SER B 147 32.71 -10.57 19.41
C SER B 147 33.52 -11.60 20.17
N GLY B 148 34.70 -11.98 19.66
CA GLY B 148 35.44 -13.08 20.26
C GLY B 148 34.71 -14.41 20.20
N VAL B 149 33.91 -14.64 19.16
CA VAL B 149 33.18 -15.89 18.99
C VAL B 149 33.97 -16.76 18.01
N PRO B 150 34.58 -17.86 18.46
CA PRO B 150 35.28 -18.76 17.53
C PRO B 150 34.33 -19.29 16.47
N LEU B 151 34.72 -19.11 15.20
CA LEU B 151 33.90 -19.51 14.06
C LEU B 151 34.82 -20.18 13.05
N ALA B 152 34.80 -21.50 13.03
CA ALA B 152 35.63 -22.23 12.08
C ALA B 152 35.11 -22.02 10.66
N LYS B 153 36.01 -22.20 9.70
CA LYS B 153 35.66 -22.01 8.29
C LYS B 153 34.55 -22.97 7.88
N GLU B 154 34.74 -24.25 8.15
CA GLU B 154 33.86 -25.28 7.63
C GLU B 154 32.43 -25.11 8.09
N GLU B 155 32.19 -24.33 9.15
CA GLU B 155 30.86 -24.11 9.70
C GLU B 155 30.31 -22.72 9.38
N VAL B 156 30.81 -22.05 8.35
CA VAL B 156 30.38 -20.67 8.08
C VAL B 156 28.98 -20.65 7.47
N GLY B 157 28.75 -21.44 6.42
CA GLY B 157 27.43 -21.63 5.87
C GLY B 157 26.37 -21.94 6.90
N LYS B 158 26.60 -22.93 7.76
CA LYS B 158 25.58 -23.35 8.71
C LYS B 158 25.22 -22.23 9.69
N ARG B 159 26.22 -21.63 10.32
CA ARG B 159 25.94 -20.59 11.32
C ARG B 159 25.31 -19.34 10.68
N THR B 160 25.78 -18.95 9.50
CA THR B 160 25.22 -17.77 8.84
C THR B 160 23.77 -18.03 8.41
N GLU B 161 23.53 -19.23 7.87
CA GLU B 161 22.19 -19.69 7.59
C GLU B 161 21.31 -19.57 8.83
N GLU B 162 21.83 -19.98 9.98
CA GLU B 162 21.03 -19.93 11.20
C GLU B 162 20.63 -18.50 11.55
N MET B 163 21.60 -17.57 11.54
CA MET B 163 21.24 -16.18 11.82
C MET B 163 20.22 -15.68 10.82
N ARG B 164 20.37 -16.05 9.56
CA ARG B 164 19.42 -15.63 8.54
C ARG B 164 18.01 -16.15 8.82
N LEU B 165 17.89 -17.42 9.24
CA LEU B 165 16.57 -17.92 9.56
C LEU B 165 16.00 -17.22 10.77
N LEU B 166 16.84 -16.80 11.71
CA LEU B 166 16.35 -16.03 12.85
C LEU B 166 15.75 -14.69 12.43
N PHE B 167 16.52 -13.88 11.69
CA PHE B 167 15.97 -12.56 11.35
C PHE B 167 14.97 -12.60 10.20
N GLU B 168 14.72 -13.76 9.60
CA GLU B 168 13.69 -13.88 8.57
C GLU B 168 12.43 -14.54 9.10
N SER B 169 12.26 -14.65 10.42
CA SER B 169 11.21 -15.48 10.99
C SER B 169 10.04 -14.69 11.58
N GLY B 170 9.83 -13.46 11.15
CA GLY B 170 8.73 -12.67 11.70
C GLY B 170 7.37 -13.21 11.31
N THR B 171 7.23 -13.66 10.08
CA THR B 171 6.00 -14.24 9.55
C THR B 171 6.18 -15.74 9.46
N SER B 172 5.12 -16.50 9.72
CA SER B 172 5.39 -17.86 10.21
C SER B 172 4.38 -18.93 9.79
N LEU B 173 3.73 -18.83 8.63
CA LEU B 173 2.82 -19.89 8.19
C LEU B 173 3.62 -21.02 7.54
N GLY B 174 3.67 -22.17 8.20
CA GLY B 174 4.14 -23.38 7.58
C GLY B 174 5.15 -24.13 8.42
N PRO B 175 6.14 -24.75 7.76
CA PRO B 175 7.26 -25.36 8.50
C PRO B 175 8.28 -24.36 8.97
N THR B 176 8.21 -23.12 8.46
CA THR B 176 9.36 -22.22 8.55
C THR B 176 9.50 -21.55 9.92
N TYR B 177 8.38 -21.23 10.57
CA TYR B 177 8.45 -20.75 11.95
C TYR B 177 9.25 -21.71 12.81
N LEU B 178 8.73 -22.92 12.99
CA LEU B 178 9.38 -23.86 13.88
C LEU B 178 10.82 -24.16 13.43
N GLN B 179 11.11 -24.01 12.14
CA GLN B 179 12.49 -24.12 11.68
C GLN B 179 13.36 -23.01 12.28
N GLY B 180 12.89 -21.79 12.20
CA GLY B 180 13.57 -20.71 12.89
C GLY B 180 13.75 -21.00 14.37
N ARG B 181 12.76 -21.67 14.98
CA ARG B 181 12.88 -22.04 16.39
C ARG B 181 14.05 -23.00 16.61
N LYS B 182 14.18 -24.02 15.73
CA LYS B 182 15.29 -24.96 15.89
C LYS B 182 16.64 -24.27 15.69
N ALA B 183 16.70 -23.33 14.75
CA ALA B 183 17.91 -22.53 14.58
C ALA B 183 18.27 -21.80 15.87
N ARG B 184 17.31 -21.09 16.47
CA ARG B 184 17.58 -20.34 17.70
C ARG B 184 18.14 -21.28 18.79
N SER B 185 17.58 -22.49 18.90
CA SER B 185 18.12 -23.43 19.88
C SER B 185 19.59 -23.76 19.60
N SER B 186 19.90 -24.15 18.35
CA SER B 186 21.28 -24.52 18.02
C SER B 186 22.24 -23.39 18.37
N ALA B 187 21.94 -22.19 17.87
CA ALA B 187 22.74 -21.01 18.15
C ALA B 187 22.95 -20.80 19.64
N GLU B 188 21.86 -20.91 20.42
CA GLU B 188 21.93 -20.59 21.85
C GLU B 188 22.80 -21.59 22.61
N VAL B 189 22.73 -22.87 22.28
CA VAL B 189 23.58 -23.79 23.05
C VAL B 189 25.04 -23.71 22.57
N TRP B 190 25.26 -23.40 21.30
CA TRP B 190 26.61 -23.11 20.80
C TRP B 190 27.26 -21.99 21.62
N ILE B 191 26.62 -20.83 21.64
CA ILE B 191 27.18 -19.69 22.37
C ILE B 191 27.18 -19.96 23.89
N ARG B 192 26.21 -20.71 24.40
CA ARG B 192 26.19 -21.02 25.83
C ARG B 192 27.41 -21.84 26.23
N GLN B 193 27.72 -22.88 25.44
CA GLN B 193 28.91 -23.67 25.66
C GLN B 193 30.15 -22.79 25.65
N MET B 194 30.24 -21.86 24.69
CA MET B 194 31.38 -20.97 24.66
C MET B 194 31.48 -20.11 25.93
N VAL B 195 30.35 -19.61 26.47
CA VAL B 195 30.42 -18.78 27.68
C VAL B 195 30.80 -19.61 28.91
N LYS B 196 30.42 -20.90 28.95
CA LYS B 196 30.91 -21.75 30.04
C LYS B 196 32.41 -21.97 29.91
N GLU B 197 32.91 -22.04 28.69
CA GLU B 197 34.35 -22.09 28.51
C GLU B 197 35.01 -20.76 28.87
N VAL B 198 34.27 -19.66 28.85
CA VAL B 198 34.85 -18.38 29.26
C VAL B 198 34.95 -18.30 30.77
N ARG B 199 33.86 -18.61 31.49
CA ARG B 199 33.90 -18.50 32.94
C ARG B 199 34.80 -19.55 33.60
N SER B 200 35.08 -20.66 32.91
CA SER B 200 36.00 -21.66 33.43
C SER B 200 37.39 -21.57 32.79
N ASN B 201 37.73 -20.44 32.19
CA ASN B 201 39.07 -20.14 31.70
C ASN B 201 39.60 -21.14 30.68
N ARG B 202 38.72 -21.83 29.97
CA ARG B 202 39.15 -22.70 28.88
C ARG B 202 39.05 -22.01 27.53
N LEU B 203 38.53 -20.78 27.51
CA LEU B 203 38.50 -19.95 26.32
C LEU B 203 38.68 -18.52 26.80
N LEU B 204 39.47 -17.71 26.09
CA LEU B 204 39.83 -16.38 26.56
C LEU B 204 39.64 -15.34 25.47
N PRO B 205 38.44 -14.82 25.33
CA PRO B 205 38.19 -13.75 24.35
C PRO B 205 38.68 -12.41 24.84
N ASN B 206 38.96 -11.54 23.89
CA ASN B 206 39.54 -10.24 24.21
C ASN B 206 38.55 -9.34 24.93
N GLU B 207 39.10 -8.43 25.73
CA GLU B 207 38.33 -7.35 26.34
C GLU B 207 37.67 -6.52 25.26
N HIS B 208 36.59 -5.82 25.57
CA HIS B 208 35.82 -5.03 24.63
C HIS B 208 35.12 -5.88 23.56
N THR B 209 35.04 -7.20 23.73
CA THR B 209 34.26 -8.06 22.86
C THR B 209 33.01 -8.55 23.57
N ALA B 210 31.97 -8.82 22.77
CA ALA B 210 30.67 -9.17 23.33
C ALA B 210 30.75 -10.41 24.20
N LEU B 211 31.34 -11.50 23.70
CA LEU B 211 31.38 -12.72 24.49
C LEU B 211 32.07 -12.50 25.84
N TYR B 212 33.22 -11.82 25.82
CA TYR B 212 33.94 -11.54 27.05
C TYR B 212 33.14 -10.64 27.99
N GLU B 213 32.80 -9.43 27.54
CA GLU B 213 32.18 -8.47 28.45
C GLU B 213 30.78 -8.92 28.89
N PHE B 214 30.09 -9.69 28.05
CA PHE B 214 28.74 -10.17 28.35
C PHE B 214 28.78 -11.36 29.32
N SER B 215 29.59 -12.37 29.02
CA SER B 215 29.65 -13.52 29.91
C SER B 215 30.24 -13.19 31.28
N TRP B 216 30.97 -12.08 31.41
CA TRP B 216 31.46 -11.61 32.70
C TRP B 216 30.53 -10.60 33.36
N HIS B 217 29.47 -10.18 32.67
CA HIS B 217 28.66 -9.05 33.14
C HIS B 217 28.20 -9.26 34.57
N ARG B 218 28.26 -8.19 35.35
CA ARG B 218 27.77 -8.17 36.72
C ARG B 218 26.57 -7.23 36.80
N ASP B 219 25.42 -7.78 37.19
CA ASP B 219 24.17 -7.01 37.18
C ASP B 219 24.10 -6.06 38.39
N GLU B 220 22.92 -5.50 38.63
CA GLU B 220 22.73 -4.52 39.70
C GLU B 220 23.15 -5.07 41.07
N SER B 221 22.82 -6.33 41.35
CA SER B 221 23.24 -6.94 42.60
C SER B 221 24.76 -7.10 42.65
N GLY B 222 25.40 -7.22 41.50
CA GLY B 222 26.74 -7.73 41.40
C GLY B 222 26.82 -9.20 41.04
N GLU B 223 25.73 -9.80 40.55
CA GLU B 223 25.65 -11.22 40.23
C GLU B 223 25.66 -11.45 38.73
N LEU B 224 26.52 -12.37 38.28
CA LEU B 224 26.63 -12.70 36.86
C LEU B 224 25.31 -13.23 36.31
N LEU B 225 25.06 -12.96 35.03
CA LEU B 225 23.84 -13.42 34.39
C LEU B 225 23.87 -14.93 34.12
N PRO B 226 22.70 -15.61 34.18
CA PRO B 226 22.61 -17.01 33.74
C PRO B 226 23.23 -17.25 32.37
N GLU B 227 23.58 -18.51 32.08
CA GLU B 227 24.35 -18.79 30.87
C GLU B 227 23.51 -18.62 29.61
N GLU B 228 22.26 -19.09 29.63
CA GLU B 228 21.41 -18.97 28.45
C GLU B 228 21.03 -17.52 28.17
N VAL B 229 20.84 -16.71 29.22
CA VAL B 229 20.60 -15.29 29.03
C VAL B 229 21.79 -14.64 28.33
N VAL B 230 23.01 -14.97 28.78
CA VAL B 230 24.23 -14.49 28.13
C VAL B 230 24.25 -14.89 26.66
N ALA B 231 23.96 -16.17 26.38
CA ALA B 231 23.88 -16.62 24.99
C ALA B 231 22.88 -15.79 24.20
N VAL B 232 21.75 -15.44 24.82
CA VAL B 232 20.75 -14.61 24.14
C VAL B 232 21.32 -13.24 23.81
N GLU B 233 22.06 -12.64 24.76
CA GLU B 233 22.52 -11.26 24.58
C GLU B 233 23.60 -11.19 23.53
N VAL B 234 24.42 -12.23 23.43
CA VAL B 234 25.37 -12.37 22.33
C VAL B 234 24.62 -12.55 21.00
N LEU B 235 23.62 -13.42 20.97
CA LEU B 235 22.83 -13.59 19.74
C LEU B 235 22.16 -12.29 19.32
N ASN B 236 21.85 -11.43 20.28
CA ASN B 236 21.36 -10.08 20.02
C ASN B 236 22.46 -9.13 19.55
N ILE B 237 23.66 -9.63 19.26
CA ILE B 237 24.62 -8.89 18.44
C ILE B 237 24.91 -9.61 17.14
N LEU B 238 25.10 -10.94 17.21
CA LEU B 238 25.43 -11.70 16.01
C LEU B 238 24.32 -11.62 14.98
N ARG B 239 23.07 -11.80 15.42
CA ARG B 239 21.93 -11.92 14.51
C ARG B 239 21.62 -10.65 13.73
N PRO B 240 21.42 -9.48 14.37
CA PRO B 240 21.07 -8.29 13.59
C PRO B 240 22.26 -7.73 12.81
N THR B 241 23.49 -8.00 13.24
CA THR B 241 24.64 -7.62 12.42
C THR B 241 24.58 -8.32 11.07
N VAL B 242 24.29 -9.62 11.06
CA VAL B 242 24.08 -10.31 9.79
C VAL B 242 22.86 -9.75 9.07
N ALA B 243 21.81 -9.37 9.82
CA ALA B 243 20.61 -8.80 9.21
C ALA B 243 20.89 -7.50 8.44
N ILE B 244 21.97 -6.78 8.79
CA ILE B 244 22.44 -5.65 7.96
C ILE B 244 22.57 -6.02 6.48
N SER B 245 22.71 -7.30 6.14
CA SER B 245 22.74 -7.73 4.73
C SER B 245 21.56 -7.17 3.92
N VAL B 246 20.37 -7.09 4.54
CA VAL B 246 19.17 -6.56 3.88
C VAL B 246 19.38 -5.10 3.48
N TYR B 247 19.89 -4.30 4.41
CA TYR B 247 20.23 -2.93 4.09
C TYR B 247 21.39 -2.84 3.10
N VAL B 248 22.32 -3.81 3.09
CA VAL B 248 23.35 -3.84 2.06
C VAL B 248 22.70 -3.90 0.68
N LEU B 249 21.80 -4.85 0.51
CA LEU B 249 21.04 -4.95 -0.72
C LEU B 249 20.36 -3.64 -1.07
N PHE B 250 19.61 -3.05 -0.12
CA PHE B 250 18.91 -1.81 -0.43
C PHE B 250 19.87 -0.66 -0.77
N THR B 251 21.07 -0.64 -0.16
CA THR B 251 22.02 0.44 -0.41
C THR B 251 22.63 0.32 -1.81
N VAL B 252 23.03 -0.89 -2.20
CA VAL B 252 23.54 -1.06 -3.56
C VAL B 252 22.41 -0.87 -4.58
N LEU B 253 21.19 -1.32 -4.24
CA LEU B 253 20.04 -1.01 -5.08
C LEU B 253 19.87 0.49 -5.24
N ALA B 254 19.95 1.24 -4.14
CA ALA B 254 19.81 2.69 -4.24
C ALA B 254 20.87 3.28 -5.15
N LEU B 255 22.09 2.75 -5.07
CA LEU B 255 23.15 3.22 -5.97
C LEU B 255 22.78 2.98 -7.44
N HIS B 256 22.21 1.82 -7.75
CA HIS B 256 21.86 1.53 -9.15
C HIS B 256 20.61 2.25 -9.61
N GLN B 257 19.65 2.44 -8.70
CA GLN B 257 18.29 2.86 -8.98
C GLN B 257 18.18 4.38 -9.09
N PHE B 258 19.10 5.10 -8.44
CA PHE B 258 19.13 6.57 -8.48
C PHE B 258 20.53 7.05 -8.90
N PRO B 259 20.87 6.89 -10.18
CA PRO B 259 22.21 7.31 -10.65
C PRO B 259 22.57 8.74 -10.27
N ASP B 260 21.61 9.67 -10.29
CA ASP B 260 21.95 11.07 -10.02
C ASP B 260 22.41 11.26 -8.58
N VAL B 261 21.72 10.65 -7.62
CA VAL B 261 22.19 10.80 -6.24
C VAL B 261 23.53 10.10 -6.06
N LYS B 262 23.71 8.95 -6.70
CA LYS B 262 25.00 8.27 -6.63
C LYS B 262 26.11 9.20 -7.09
N GLU B 263 25.86 9.93 -8.18
CA GLU B 263 26.82 10.90 -8.66
C GLU B 263 27.01 12.05 -7.66
N GLN B 264 25.97 12.43 -6.93
CA GLN B 264 26.18 13.43 -5.88
C GLN B 264 26.97 12.88 -4.70
N VAL B 265 26.97 11.55 -4.50
CA VAL B 265 27.81 10.95 -3.49
C VAL B 265 29.25 10.89 -3.98
N GLU B 266 29.46 10.54 -5.25
CA GLU B 266 30.81 10.45 -5.79
C GLU B 266 31.50 11.81 -5.78
N ARG B 267 30.77 12.87 -6.13
CA ARG B 267 31.18 14.21 -5.73
C ARG B 267 30.85 14.41 -4.25
N GLY B 268 31.39 15.47 -3.65
CA GLY B 268 31.15 15.63 -2.22
C GLY B 268 29.78 16.16 -1.82
N GLU B 269 28.82 16.20 -2.76
CA GLU B 269 27.58 16.95 -2.54
C GLU B 269 26.74 16.36 -1.40
N VAL B 270 26.62 15.03 -1.33
CA VAL B 270 25.94 14.38 -0.23
C VAL B 270 26.88 13.37 0.41
N SER B 271 26.94 13.38 1.74
CA SER B 271 27.84 12.51 2.44
C SER B 271 27.31 11.09 2.44
N LYS B 272 28.20 10.15 2.78
CA LYS B 272 27.81 8.77 2.93
C LYS B 272 26.74 8.62 4.01
N THR B 273 26.93 9.27 5.16
CA THR B 273 25.95 9.16 6.24
C THR B 273 24.58 9.57 5.76
N GLU B 274 24.49 10.69 5.05
CA GLU B 274 23.19 11.14 4.56
C GLU B 274 22.55 10.11 3.65
N PHE B 275 23.33 9.51 2.75
CA PHE B 275 22.81 8.48 1.85
C PHE B 275 22.31 7.27 2.64
N VAL B 276 23.05 6.89 3.68
CA VAL B 276 22.65 5.78 4.52
C VAL B 276 21.33 6.10 5.22
N GLN B 277 21.24 7.30 5.79
CA GLN B 277 20.03 7.67 6.51
C GLN B 277 18.82 7.61 5.58
N GLU B 278 18.96 8.14 4.37
CA GLU B 278 17.85 8.08 3.45
C GLU B 278 17.56 6.65 2.97
N VAL B 279 18.57 5.78 2.91
CA VAL B 279 18.28 4.35 2.69
C VAL B 279 17.45 3.80 3.85
N ARG B 280 17.84 4.07 5.08
CA ARG B 280 17.06 3.55 6.19
C ARG B 280 15.64 4.15 6.24
N ARG B 281 15.46 5.37 5.73
CA ARG B 281 14.12 5.96 5.74
C ARG B 281 13.26 5.41 4.60
N PHE B 282 13.86 5.20 3.43
CA PHE B 282 13.09 5.02 2.21
C PHE B 282 12.54 3.62 2.06
N TYR B 283 13.32 2.61 2.45
CA TYR B 283 13.14 1.18 2.27
C TYR B 283 12.65 0.54 3.55
N PRO B 284 11.66 -0.34 3.37
CA PRO B 284 11.04 -1.02 4.50
C PRO B 284 11.91 -2.14 5.05
N PHE B 285 11.99 -2.23 6.38
CA PHE B 285 12.68 -3.32 7.07
C PHE B 285 11.94 -3.73 8.36
N PHE B 286 12.10 -2.98 9.45
CA PHE B 286 11.41 -3.33 10.67
C PHE B 286 10.06 -2.60 10.68
N PRO B 287 8.93 -3.30 10.64
CA PRO B 287 7.64 -2.63 10.43
C PRO B 287 7.06 -1.89 11.64
N VAL B 288 6.97 -2.55 12.81
CA VAL B 288 6.42 -1.94 14.01
C VAL B 288 7.27 -2.27 15.24
N ALA B 289 7.26 -1.38 16.22
CA ALA B 289 7.67 -1.67 17.59
C ALA B 289 6.43 -1.93 18.46
N ALA B 290 6.63 -2.65 19.56
CA ALA B 290 5.52 -3.07 20.40
C ALA B 290 5.74 -2.66 21.85
N ALA B 291 4.62 -2.56 22.58
CA ALA B 291 4.65 -2.20 24.01
C ALA B 291 3.25 -2.42 24.58
N ARG B 292 3.12 -2.11 25.87
CA ARG B 292 1.85 -2.29 26.58
C ARG B 292 1.61 -1.11 27.50
N VAL B 293 0.37 -0.65 27.49
CA VAL B 293 -0.03 0.41 28.38
C VAL B 293 0.21 -0.04 29.81
N LYS B 294 0.86 0.81 30.61
CA LYS B 294 1.13 0.48 32.00
C LYS B 294 -0.16 0.53 32.81
N THR B 295 -0.72 1.73 32.95
CA THR B 295 -2.02 1.94 33.58
C THR B 295 -2.83 2.88 32.70
N ASP B 296 -4.14 2.96 32.98
CA ASP B 296 -5.04 3.84 32.25
C ASP B 296 -4.44 5.22 32.05
N PHE B 297 -4.42 5.70 30.81
CA PHE B 297 -4.08 7.10 30.64
C PHE B 297 -4.79 7.66 29.42
N GLU B 298 -4.68 8.97 29.25
CA GLU B 298 -5.30 9.64 28.12
C GLU B 298 -4.29 10.51 27.39
N TRP B 299 -4.35 10.45 26.07
CA TRP B 299 -3.55 11.28 25.20
C TRP B 299 -4.42 11.73 24.04
N ASP B 300 -4.46 13.05 23.81
CA ASP B 300 -5.18 13.63 22.68
C ASP B 300 -6.66 13.28 22.75
N GLY B 301 -7.20 13.27 23.97
CA GLY B 301 -8.59 12.92 24.20
C GLY B 301 -8.92 11.45 24.06
N TYR B 302 -7.91 10.59 23.85
CA TYR B 302 -8.10 9.16 23.65
C TYR B 302 -7.67 8.40 24.90
N ALA B 303 -8.37 7.31 25.19
CA ALA B 303 -8.19 6.57 26.43
C ALA B 303 -7.48 5.26 26.14
N PHE B 304 -6.30 5.10 26.75
CA PHE B 304 -5.49 3.89 26.69
C PHE B 304 -5.72 3.05 27.92
N PRO B 305 -6.36 1.88 27.80
CA PRO B 305 -6.61 1.01 28.96
C PRO B 305 -5.46 0.08 29.29
N GLU B 306 -5.25 -0.15 30.59
CA GLU B 306 -4.11 -0.90 31.11
C GLU B 306 -3.97 -2.25 30.42
N GLY B 307 -2.72 -2.62 30.13
CA GLY B 307 -2.43 -3.92 29.53
C GLY B 307 -2.67 -4.00 28.04
N THR B 308 -3.10 -2.89 27.42
CA THR B 308 -3.45 -2.93 26.00
C THR B 308 -2.16 -2.99 25.18
N LEU B 309 -2.04 -4.02 24.37
CA LEU B 309 -0.94 -4.12 23.43
C LEU B 309 -1.03 -2.98 22.41
N THR B 310 0.09 -2.30 22.23
CA THR B 310 0.24 -1.10 21.40
C THR B 310 1.36 -1.31 20.39
N LEU B 311 1.12 -0.84 19.16
CA LEU B 311 2.07 -0.93 18.06
C LEU B 311 2.39 0.46 17.55
N LEU B 312 3.68 0.76 17.44
CA LEU B 312 4.15 1.97 16.80
C LEU B 312 4.66 1.63 15.40
N ASP B 313 4.24 2.45 14.42
CA ASP B 313 4.49 2.20 13.00
C ASP B 313 5.80 2.90 12.64
N LEU B 314 6.84 2.11 12.39
CA LEU B 314 8.16 2.67 12.12
C LEU B 314 8.28 3.10 10.66
N TYR B 315 8.01 2.18 9.75
CA TYR B 315 8.04 2.50 8.33
C TYR B 315 7.08 3.64 8.03
N GLY B 316 5.84 3.49 8.49
CA GLY B 316 4.82 4.50 8.25
C GLY B 316 5.21 5.87 8.77
N THR B 317 5.74 5.91 10.00
CA THR B 317 6.21 7.19 10.54
C THR B 317 7.33 7.75 9.66
N ASN B 318 8.24 6.90 9.16
CA ASN B 318 9.31 7.37 8.29
C ASN B 318 8.78 7.91 6.95
N HIS B 319 7.54 7.61 6.58
CA HIS B 319 7.01 8.20 5.36
C HIS B 319 5.91 9.23 5.63
N ASP B 320 5.80 9.68 6.87
CA ASP B 320 4.72 10.57 7.28
C ASP B 320 4.83 11.93 6.59
N VAL B 321 3.81 12.26 5.79
CA VAL B 321 3.82 13.49 5.01
C VAL B 321 3.87 14.76 5.89
N SER B 322 3.52 14.66 7.17
CA SER B 322 3.59 15.84 8.03
C SER B 322 5.03 16.13 8.44
N ILE B 323 5.86 15.10 8.51
CA ILE B 323 7.26 15.19 8.90
C ILE B 323 8.17 15.44 7.71
N TRP B 324 7.93 14.73 6.59
CA TRP B 324 8.84 14.70 5.45
C TRP B 324 8.19 15.38 4.25
N THR B 325 8.98 16.18 3.53
CA THR B 325 8.58 16.74 2.24
C THR B 325 8.88 15.73 1.14
N GLU B 326 7.84 15.33 0.40
CA GLU B 326 7.95 14.32 -0.64
C GLU B 326 8.53 13.03 -0.07
N PRO B 327 7.84 12.38 0.88
CA PRO B 327 8.37 11.13 1.44
C PRO B 327 8.66 10.06 0.38
N ASP B 328 8.03 10.15 -0.80
CA ASP B 328 8.20 9.13 -1.83
C ASP B 328 9.40 9.38 -2.71
N ARG B 329 10.05 10.53 -2.58
CA ARG B 329 11.27 10.81 -3.33
C ARG B 329 12.49 10.39 -2.52
N PHE B 330 13.44 9.71 -3.17
CA PHE B 330 14.69 9.30 -2.52
C PHE B 330 15.65 10.47 -2.60
N ASP B 331 15.81 11.20 -1.50
CA ASP B 331 16.55 12.46 -1.52
C ASP B 331 17.36 12.59 -0.25
N PRO B 332 18.61 12.13 -0.28
CA PRO B 332 19.47 12.21 0.92
C PRO B 332 19.66 13.63 1.43
N SER B 333 19.65 14.61 0.53
CA SER B 333 19.87 15.99 0.95
C SER B 333 18.75 16.53 1.83
N ARG B 334 17.69 15.75 2.06
CA ARG B 334 16.75 16.13 3.10
C ARG B 334 17.37 16.02 4.49
N PHE B 335 18.56 15.44 4.62
CA PHE B 335 19.24 15.26 5.90
C PHE B 335 20.40 16.22 6.13
N LYS B 336 20.79 17.00 5.13
CA LYS B 336 21.76 18.04 5.39
C LYS B 336 21.04 19.25 5.98
N ASP B 337 21.65 19.85 7.00
CA ASP B 337 21.06 20.97 7.72
C ASP B 337 19.66 20.60 8.22
N TRP B 338 19.59 19.42 8.84
CA TRP B 338 18.38 18.97 9.54
C TRP B 338 18.83 17.95 10.56
N LYS B 339 18.86 18.34 11.83
CA LYS B 339 18.98 17.36 12.89
C LYS B 339 17.58 16.81 13.17
N GLU B 340 17.50 15.51 13.34
CA GLU B 340 16.21 14.90 13.63
C GLU B 340 15.97 14.92 15.12
N SER B 341 14.69 14.89 15.50
CA SER B 341 14.32 14.61 16.87
C SER B 341 14.46 13.11 17.09
N PRO B 342 14.33 12.63 18.33
CA PRO B 342 14.34 11.19 18.59
C PRO B 342 13.02 10.47 18.27
N PHE B 343 12.03 11.16 17.70
CA PHE B 343 10.71 10.57 17.45
C PHE B 343 10.20 10.71 16.03
N ASN B 344 10.78 11.58 15.21
CA ASN B 344 10.30 11.75 13.85
C ASN B 344 10.99 10.85 12.81
N PHE B 345 12.10 10.21 13.13
CA PHE B 345 12.82 9.35 12.18
C PHE B 345 13.27 8.15 12.99
N ILE B 346 12.65 6.98 12.75
CA ILE B 346 12.77 5.90 13.73
C ILE B 346 12.92 4.53 13.10
N PRO B 347 13.73 4.38 12.02
CA PRO B 347 13.86 3.05 11.42
C PRO B 347 14.40 2.00 12.38
N GLN B 348 15.14 2.41 13.41
CA GLN B 348 15.56 1.41 14.37
C GLN B 348 15.08 1.82 15.76
N GLY B 349 13.82 2.27 15.88
CA GLY B 349 13.28 2.70 17.14
C GLY B 349 13.44 4.20 17.38
N GLY B 350 12.68 4.71 18.35
CA GLY B 350 12.76 6.09 18.76
C GLY B 350 13.16 6.21 20.24
N GLY B 351 13.18 7.45 20.72
CA GLY B 351 13.56 7.69 22.09
C GLY B 351 15.05 7.78 22.31
N ASP B 352 15.41 7.75 23.58
CA ASP B 352 16.78 7.81 24.04
C ASP B 352 17.35 6.39 24.09
N VAL B 353 18.51 6.17 23.46
CA VAL B 353 19.10 4.83 23.36
C VAL B 353 19.47 4.28 24.74
N ASP B 354 20.01 5.13 25.61
CA ASP B 354 20.57 4.65 26.87
C ASP B 354 19.50 4.40 27.92
N PHE B 355 18.44 5.21 27.93
CA PHE B 355 17.38 5.05 28.91
C PHE B 355 16.09 4.48 28.33
N GLY B 356 16.00 4.26 27.02
CA GLY B 356 14.85 3.62 26.41
C GLY B 356 15.30 2.48 25.53
N HIS B 357 14.32 1.81 24.90
CA HIS B 357 14.54 0.59 24.14
C HIS B 357 14.95 0.81 22.70
N ARG B 358 15.40 2.01 22.36
CA ARG B 358 15.88 2.27 21.02
C ARG B 358 17.00 1.29 20.67
N CYS B 359 17.10 0.96 19.38
CA CYS B 359 18.10 0.02 18.88
C CYS B 359 19.49 0.30 19.40
N ALA B 360 20.17 -0.76 19.80
CA ALA B 360 21.55 -0.68 20.28
C ALA B 360 22.56 -0.48 19.15
N GLY B 361 22.22 -0.89 17.93
CA GLY B 361 23.22 -1.07 16.88
C GLY B 361 23.18 -0.09 15.73
N GLU B 362 22.71 1.14 16.01
CA GLU B 362 22.50 2.09 14.93
C GLU B 362 23.81 2.62 14.38
N HIS B 363 24.73 2.98 15.27
CA HIS B 363 26.03 3.43 14.79
C HIS B 363 26.72 2.34 13.98
N VAL B 364 26.67 1.10 14.45
CA VAL B 364 27.26 -0.03 13.72
C VAL B 364 26.60 -0.18 12.35
N THR B 365 25.26 -0.15 12.32
CA THR B 365 24.52 -0.24 11.07
C THR B 365 24.99 0.84 10.09
N ILE B 366 25.08 2.08 10.57
CA ILE B 366 25.42 3.19 9.69
C ILE B 366 26.88 3.10 9.23
N ALA B 367 27.80 2.70 10.11
CA ALA B 367 29.18 2.63 9.69
C ALA B 367 29.37 1.52 8.65
N ILE B 368 28.71 0.37 8.85
CA ILE B 368 28.85 -0.74 7.91
C ILE B 368 28.28 -0.37 6.54
N LEU B 369 27.11 0.28 6.52
CA LEU B 369 26.52 0.68 5.25
C LEU B 369 27.30 1.81 4.56
N ALA B 370 27.87 2.74 5.34
CA ALA B 370 28.71 3.76 4.72
C ALA B 370 29.94 3.15 4.03
N GLN B 371 30.61 2.21 4.72
CA GLN B 371 31.74 1.51 4.10
C GLN B 371 31.30 0.75 2.85
N VAL B 372 30.09 0.17 2.86
CA VAL B 372 29.57 -0.47 1.65
C VAL B 372 29.45 0.54 0.50
N ILE B 373 28.93 1.76 0.78
CA ILE B 373 28.89 2.77 -0.28
C ILE B 373 30.29 2.97 -0.87
N GLU B 374 31.30 3.07 0.01
CA GLU B 374 32.66 3.30 -0.45
C GLU B 374 33.16 2.16 -1.35
N LEU B 375 32.97 0.91 -0.92
CA LEU B 375 33.37 -0.23 -1.73
C LEU B 375 32.68 -0.24 -3.09
N PHE B 376 31.37 -0.06 -3.11
CA PHE B 376 30.60 -0.29 -4.32
C PHE B 376 30.50 0.93 -5.20
N THR B 377 31.12 2.04 -4.84
CA THR B 377 31.32 3.12 -5.79
C THR B 377 32.78 3.30 -6.18
N LYS B 378 33.68 3.30 -5.19
CA LYS B 378 35.07 3.59 -5.48
C LYS B 378 35.90 2.34 -5.67
N GLU B 379 35.69 1.29 -4.88
CA GLU B 379 36.64 0.18 -4.91
C GLU B 379 36.35 -0.81 -6.03
N TYR B 380 35.09 -1.07 -6.30
CA TYR B 380 34.69 -2.13 -7.19
C TYR B 380 33.92 -1.56 -8.36
N ALA B 381 34.02 -2.26 -9.47
CA ALA B 381 33.25 -2.01 -10.67
C ALA B 381 32.45 -3.27 -10.96
N TYR B 382 31.27 -3.09 -11.54
CA TYR B 382 30.40 -4.25 -11.69
C TYR B 382 29.22 -3.88 -12.57
N THR B 383 28.59 -4.90 -13.10
CA THR B 383 27.38 -4.79 -13.91
C THR B 383 26.21 -5.36 -13.11
N VAL B 384 25.04 -4.74 -13.26
CA VAL B 384 23.78 -5.29 -12.75
C VAL B 384 23.02 -5.80 -13.97
N PRO B 385 23.03 -7.11 -14.27
CA PRO B 385 22.30 -7.59 -15.44
C PRO B 385 20.81 -7.42 -15.23
N PRO B 386 20.02 -7.37 -16.30
CA PRO B 386 18.57 -7.30 -16.11
C PRO B 386 18.09 -8.44 -15.23
N GLN B 387 17.18 -8.12 -14.31
CA GLN B 387 16.77 -9.03 -13.25
C GLN B 387 15.61 -8.36 -12.48
N ASP B 388 15.04 -9.10 -11.53
CA ASP B 388 13.91 -8.60 -10.73
C ASP B 388 14.44 -7.89 -9.50
N LEU B 389 14.62 -6.60 -9.62
CA LEU B 389 15.03 -5.72 -8.54
C LEU B 389 13.88 -5.22 -7.67
N SER B 390 12.64 -5.64 -7.91
CA SER B 390 11.54 -5.13 -7.09
C SER B 390 11.57 -5.77 -5.72
N TYR B 391 10.93 -5.09 -4.78
CA TYR B 391 10.81 -5.56 -3.42
C TYR B 391 9.39 -5.34 -2.94
N SER B 392 8.95 -6.20 -2.03
CA SER B 392 7.56 -6.22 -1.59
C SER B 392 7.32 -5.14 -0.55
N PHE B 393 6.13 -4.56 -0.59
CA PHE B 393 5.70 -3.76 0.54
C PHE B 393 4.83 -4.55 1.51
N VAL B 394 4.57 -5.83 1.25
CA VAL B 394 3.60 -6.55 2.06
C VAL B 394 4.23 -7.76 2.72
N ASP B 395 5.25 -8.31 2.08
CA ASP B 395 6.02 -9.40 2.66
C ASP B 395 7.15 -8.86 3.52
N MET B 396 7.36 -9.51 4.67
CA MET B 396 8.24 -9.03 5.70
C MET B 396 9.22 -10.13 6.06
N PRO B 397 10.53 -9.84 6.05
CA PRO B 397 11.06 -8.55 5.59
C PRO B 397 11.10 -8.43 4.06
N SER B 398 11.26 -7.22 3.60
CA SER B 398 11.30 -6.95 2.18
C SER B 398 12.71 -7.16 1.65
N LEU B 399 12.82 -7.72 0.44
CA LEU B 399 14.11 -8.01 -0.20
C LEU B 399 13.94 -7.86 -1.70
N PRO B 400 14.85 -7.16 -2.38
CA PRO B 400 14.87 -7.25 -3.85
C PRO B 400 14.89 -8.72 -4.24
N LYS B 401 14.08 -9.04 -5.26
CA LYS B 401 13.69 -10.42 -5.50
C LYS B 401 14.88 -11.27 -5.96
N SER B 402 15.72 -10.74 -6.84
CA SER B 402 16.87 -11.46 -7.36
C SER B 402 18.02 -11.57 -6.35
N LYS B 403 17.92 -10.84 -5.24
CA LYS B 403 18.94 -10.79 -4.18
C LYS B 403 20.23 -10.15 -4.67
N LEU B 404 20.11 -9.26 -5.67
CA LEU B 404 21.17 -8.47 -6.28
C LEU B 404 22.27 -9.33 -6.89
N ARG B 405 22.03 -9.78 -8.10
CA ARG B 405 23.02 -10.52 -8.86
C ARG B 405 23.93 -9.52 -9.55
N LEU B 406 25.21 -9.51 -9.16
CA LEU B 406 26.21 -8.64 -9.76
C LEU B 406 27.16 -9.47 -10.62
N THR B 407 27.52 -8.91 -11.77
CA THR B 407 28.39 -9.57 -12.72
C THR B 407 29.57 -8.66 -13.08
N HIS B 408 30.62 -9.29 -13.62
CA HIS B 408 31.82 -8.58 -14.11
C HIS B 408 32.42 -7.74 -12.99
N LEU B 409 32.47 -8.30 -11.79
CA LEU B 409 32.93 -7.56 -10.62
C LEU B 409 34.46 -7.53 -10.55
N THR B 410 35.02 -6.36 -10.80
CA THR B 410 36.47 -6.19 -10.84
C THR B 410 36.84 -5.01 -9.96
N ARG B 411 38.11 -4.98 -9.53
CA ARG B 411 38.60 -3.84 -8.79
C ARG B 411 38.76 -2.67 -9.74
N ASN B 412 38.38 -1.47 -9.30
CA ASN B 412 38.62 -0.26 -10.10
C ASN B 412 40.12 -0.03 -10.21
CHA HEM C . -16.25 3.51 -19.12
CHB HEM C . -20.83 5.01 -18.65
CHC HEM C . -20.07 5.92 -13.95
CHD HEM C . -15.38 4.90 -14.51
C1A HEM C . -17.57 3.79 -19.40
C2A HEM C . -18.25 3.56 -20.67
C3A HEM C . -19.52 3.98 -20.54
C4A HEM C . -19.69 4.48 -19.19
CMA HEM C . -20.62 3.92 -21.62
CAA HEM C . -17.62 2.96 -21.94
CBA HEM C . -16.96 4.12 -22.74
CGA HEM C . -16.39 3.67 -24.07
O1A HEM C . -16.23 2.45 -24.28
O2A HEM C . -16.09 4.53 -24.95
C1B HEM C . -21.02 5.43 -17.34
C2B HEM C . -22.23 6.02 -16.80
C3B HEM C . -22.00 6.26 -15.49
C4B HEM C . -20.66 5.84 -15.18
CMB HEM C . -23.51 6.27 -17.64
CAB HEM C . -22.91 6.88 -14.41
CBB HEM C . -24.11 7.42 -14.64
C1C HEM C . -18.77 5.64 -13.64
C2C HEM C . -18.22 5.53 -12.31
C3C HEM C . -16.92 5.26 -12.45
C4C HEM C . -16.59 5.16 -13.87
CMC HEM C . -19.01 5.72 -11.00
CAC HEM C . -15.99 5.06 -11.24
CBC HEM C . -14.67 5.05 -11.36
C1D HEM C . -15.20 4.42 -15.81
C2D HEM C . -13.96 3.97 -16.41
C3D HEM C . -14.20 3.58 -17.68
C4D HEM C . -15.61 3.78 -17.93
CMD HEM C . -12.60 3.93 -15.70
CAD HEM C . -13.21 2.98 -18.71
CBD HEM C . -12.25 3.97 -19.36
CGD HEM C . -11.50 3.32 -20.49
O1D HEM C . -10.58 3.96 -21.03
O2D HEM C . -11.82 2.16 -20.86
NA HEM C . -18.48 4.36 -18.54
NB HEM C . -20.10 5.33 -16.32
NC HEM C . -17.76 5.41 -14.55
ND HEM C . -16.17 4.28 -16.78
FE HEM C . -18.08 5.11 -16.62
C1 MYR D . -19.40 0.22 -14.13
O1 MYR D . -19.03 0.08 -15.34
O2 MYR D . -20.44 -0.40 -13.76
C2 MYR D . -18.74 1.24 -13.19
C3 MYR D . -18.60 0.64 -11.80
C4 MYR D . -17.14 0.59 -11.39
C5 MYR D . -16.72 -0.70 -10.70
C6 MYR D . -15.22 -0.95 -10.90
C7 MYR D . -14.58 -1.74 -9.76
C8 MYR D . -14.57 -3.24 -10.04
C9 MYR D . -13.19 -3.84 -9.74
C10 MYR D . -12.60 -4.63 -10.91
C11 MYR D . -12.35 -3.79 -12.16
C12 MYR D . -11.21 -4.37 -12.99
C13 MYR D . -11.12 -3.77 -14.39
C14 MYR D . -10.12 -4.53 -15.24
CHA HEM E . 16.30 -2.90 19.05
CHB HEM E . 20.88 -4.37 18.50
CHC HEM E . 20.55 -3.77 13.68
CHD HEM E . 16.01 -2.19 14.21
C1A HEM E . 17.53 -3.41 19.34
C2A HEM E . 18.01 -3.92 20.63
C3A HEM E . 19.28 -4.32 20.47
C4A HEM E . 19.66 -4.09 19.08
CMA HEM E . 20.18 -4.94 21.56
CAA HEM E . 17.20 -3.96 21.95
CBA HEM E . 17.24 -2.55 22.58
CGA HEM E . 16.51 -2.40 23.91
O1A HEM E . 15.68 -3.30 24.24
O2A HEM E . 16.73 -1.39 24.63
C1B HEM E . 21.21 -4.28 17.16
C2B HEM E . 22.52 -4.46 16.57
C3B HEM E . 22.41 -4.32 15.24
C4B HEM E . 21.05 -4.01 14.93
CMB HEM E . 23.77 -4.82 17.43
CAB HEM E . 23.47 -4.40 14.11
CBB HEM E . 24.77 -4.34 14.35
C1C HEM E . 19.28 -3.39 13.35
C2C HEM E . 18.71 -3.36 12.04
C3C HEM E . 17.45 -2.93 12.16
C4C HEM E . 17.17 -2.65 13.57
CMC HEM E . 19.47 -3.78 10.75
CAC HEM E . 16.52 -2.76 10.95
CBC HEM E . 15.39 -2.05 11.02
C1D HEM E . 15.69 -2.27 15.56
C2D HEM E . 14.40 -1.96 16.16
C3D HEM E . 14.47 -2.14 17.50
C4D HEM E . 15.81 -2.59 17.80
CMD HEM E . 13.16 -1.47 15.38
CAD HEM E . 13.34 -1.98 18.56
CBD HEM E . 13.24 -0.57 19.14
CGD HEM E . 12.18 -0.53 20.21
O1D HEM E . 11.80 0.59 20.67
O2D HEM E . 11.72 -1.61 20.61
NA HEM E . 18.57 -3.53 18.44
NB HEM E . 20.35 -4.01 16.11
NC HEM E . 18.33 -2.96 14.26
ND HEM E . 16.50 -2.65 16.61
FE HEM E . 18.54 -3.09 16.39
C1 MYR F . 17.13 -7.93 14.23
O1 MYR F . 17.31 -9.18 14.16
O2 MYR F . 17.26 -7.38 15.35
C2 MYR F . 16.96 -7.11 12.96
C3 MYR F . 16.10 -7.88 11.97
C4 MYR F . 14.76 -7.19 11.78
C5 MYR F . 13.65 -8.07 11.20
C6 MYR F . 12.37 -7.25 11.05
C7 MYR F . 11.26 -7.92 10.24
C8 MYR F . 10.50 -8.94 11.07
C9 MYR F . 9.03 -9.05 10.66
C10 MYR F . 8.07 -9.05 11.85
C11 MYR F . 8.41 -7.96 12.87
C12 MYR F . 7.35 -7.89 13.95
C13 MYR F . 7.79 -7.11 15.18
C14 MYR F . 6.68 -7.09 16.24
#